data_1Z4H
#
_entry.id   1Z4H
#
_entity_poly.entity_id   1
_entity_poly.type   'polypeptide(L)'
_entity_poly.pdbx_seq_one_letter_code
;MQHELQPDSLVDLKFIMADTGFGKTFIYDRIKSGDLPKAKVIHGRARWLYRDHCEFKNKLLSRANG
;
_entity_poly.pdbx_strand_id   A
#
# COMPACT_ATOMS: atom_id res chain seq x y z
N MET A 1 14.37 9.43 7.06
CA MET A 1 13.10 10.16 7.17
C MET A 1 11.99 9.25 7.70
N GLN A 2 12.00 9.00 8.99
CA GLN A 2 10.95 8.20 9.62
C GLN A 2 9.72 9.04 9.87
N HIS A 3 8.78 8.96 8.94
CA HIS A 3 7.54 9.71 9.06
C HIS A 3 6.40 8.77 9.40
N GLU A 4 5.66 9.08 10.45
CA GLU A 4 4.56 8.22 10.88
C GLU A 4 3.22 8.80 10.46
N LEU A 5 2.34 7.92 10.04
CA LEU A 5 1.02 8.31 9.57
C LEU A 5 -0.03 7.39 10.17
N GLN A 6 -1.29 7.77 10.02
CA GLN A 6 -2.40 6.95 10.49
C GLN A 6 -3.02 6.22 9.30
N PRO A 7 -3.85 5.19 9.55
CA PRO A 7 -4.49 4.39 8.50
C PRO A 7 -4.95 5.22 7.29
N ASP A 8 -5.59 6.35 7.53
CA ASP A 8 -5.95 7.22 6.43
C ASP A 8 -4.99 8.41 6.38
N SER A 9 -4.05 8.32 5.44
CA SER A 9 -3.04 9.33 5.23
C SER A 9 -2.40 9.12 3.86
N LEU A 10 -1.49 10.01 3.47
CA LEU A 10 -0.90 9.96 2.15
C LEU A 10 0.51 9.38 2.19
N VAL A 11 0.67 8.23 1.56
CA VAL A 11 1.94 7.54 1.45
C VAL A 11 2.46 7.62 0.01
N ASP A 12 3.73 7.32 -0.19
CA ASP A 12 4.30 7.30 -1.53
C ASP A 12 4.88 5.91 -1.85
N LEU A 13 5.18 5.67 -3.11
CA LEU A 13 5.69 4.37 -3.56
C LEU A 13 6.91 3.91 -2.75
N LYS A 14 7.85 4.83 -2.51
CA LYS A 14 9.06 4.50 -1.76
C LYS A 14 8.68 3.97 -0.40
N PHE A 15 7.67 4.60 0.17
CA PHE A 15 7.15 4.23 1.46
C PHE A 15 6.62 2.80 1.42
N ILE A 16 5.75 2.52 0.45
CA ILE A 16 5.20 1.18 0.26
C ILE A 16 6.32 0.16 0.14
N MET A 17 7.33 0.46 -0.65
CA MET A 17 8.46 -0.45 -0.85
C MET A 17 9.22 -0.66 0.46
N ALA A 18 9.31 0.38 1.28
CA ALA A 18 9.89 0.27 2.61
C ALA A 18 9.00 -0.58 3.52
N ASP A 19 7.70 -0.32 3.43
CA ASP A 19 6.68 -1.02 4.22
C ASP A 19 6.62 -2.50 3.88
N THR A 20 6.73 -2.81 2.60
CA THR A 20 6.52 -4.17 2.13
C THR A 20 7.83 -4.91 1.88
N GLY A 21 8.79 -4.22 1.27
CA GLY A 21 10.03 -4.85 0.90
C GLY A 21 9.95 -5.44 -0.50
N PHE A 22 8.89 -5.10 -1.23
CA PHE A 22 8.65 -5.66 -2.54
C PHE A 22 8.66 -4.59 -3.62
N GLY A 23 8.39 -5.00 -4.86
CA GLY A 23 8.45 -4.09 -5.99
C GLY A 23 7.11 -3.45 -6.31
N LYS A 24 7.18 -2.28 -6.97
CA LYS A 24 6.00 -1.50 -7.35
C LYS A 24 4.92 -2.35 -8.02
N THR A 25 5.34 -3.20 -8.96
CA THR A 25 4.42 -4.07 -9.69
C THR A 25 3.58 -4.91 -8.71
N PHE A 26 4.25 -5.49 -7.72
CA PHE A 26 3.60 -6.28 -6.70
C PHE A 26 2.58 -5.43 -5.94
N ILE A 27 2.97 -4.20 -5.64
CA ILE A 27 2.13 -3.29 -4.87
C ILE A 27 0.77 -3.10 -5.52
N TYR A 28 0.77 -2.55 -6.73
CA TYR A 28 -0.47 -2.23 -7.42
C TYR A 28 -1.37 -3.45 -7.55
N ASP A 29 -0.78 -4.60 -7.86
CA ASP A 29 -1.57 -5.83 -7.98
C ASP A 29 -2.10 -6.28 -6.62
N ARG A 30 -1.19 -6.39 -5.66
CA ARG A 30 -1.53 -6.93 -4.35
C ARG A 30 -2.49 -6.02 -3.59
N ILE A 31 -2.29 -4.70 -3.69
CA ILE A 31 -3.12 -3.76 -2.97
C ILE A 31 -4.53 -3.72 -3.58
N LYS A 32 -4.61 -3.82 -4.91
CA LYS A 32 -5.92 -3.96 -5.56
C LYS A 32 -6.64 -5.20 -5.01
N SER A 33 -5.90 -6.29 -4.92
CA SER A 33 -6.45 -7.53 -4.39
C SER A 33 -6.79 -7.41 -2.90
N GLY A 34 -6.12 -6.50 -2.21
CA GLY A 34 -6.39 -6.28 -0.80
C GLY A 34 -7.84 -5.89 -0.57
N ASP A 35 -8.20 -4.69 -1.00
CA ASP A 35 -9.59 -4.25 -0.97
C ASP A 35 -9.80 -3.09 -1.96
N LEU A 36 -9.04 -3.11 -3.05
CA LEU A 36 -9.07 -2.04 -4.05
C LEU A 36 -8.59 -0.71 -3.43
N PRO A 37 -7.50 -0.15 -3.97
CA PRO A 37 -6.91 1.07 -3.42
C PRO A 37 -7.84 2.26 -3.44
N LYS A 38 -7.99 2.89 -2.28
CA LYS A 38 -8.71 4.14 -2.18
C LYS A 38 -7.74 5.28 -2.49
N ALA A 39 -6.45 4.92 -2.54
CA ALA A 39 -5.38 5.80 -2.95
C ALA A 39 -5.78 6.71 -4.10
N LYS A 40 -5.25 7.91 -4.10
CA LYS A 40 -5.66 8.90 -5.06
C LYS A 40 -4.62 8.94 -6.17
N VAL A 41 -4.75 8.02 -7.09
CA VAL A 41 -3.86 7.92 -8.22
C VAL A 41 -4.56 8.43 -9.47
N ILE A 42 -3.94 9.39 -10.15
CA ILE A 42 -4.56 10.02 -11.29
C ILE A 42 -3.66 9.95 -12.52
N HIS A 43 -2.35 9.88 -12.29
CA HIS A 43 -1.39 9.90 -13.39
C HIS A 43 -0.35 8.80 -13.19
N GLY A 44 -0.82 7.58 -12.99
CA GLY A 44 0.06 6.45 -12.73
C GLY A 44 0.64 6.49 -11.32
N ARG A 45 0.82 7.70 -10.80
CA ARG A 45 1.25 7.93 -9.44
C ARG A 45 0.53 9.15 -8.89
N ALA A 46 0.69 9.38 -7.59
CA ALA A 46 0.21 10.59 -6.92
C ALA A 46 0.38 10.44 -5.41
N ARG A 47 -0.67 9.94 -4.75
CA ARG A 47 -0.65 9.74 -3.31
C ARG A 47 -1.43 8.48 -2.98
N TRP A 48 -0.87 7.63 -2.13
CA TRP A 48 -1.50 6.37 -1.80
C TRP A 48 -2.05 6.43 -0.39
N LEU A 49 -3.20 5.83 -0.18
CA LEU A 49 -3.79 5.78 1.13
C LEU A 49 -3.28 4.57 1.89
N TYR A 50 -2.78 4.83 3.09
CA TYR A 50 -2.16 3.77 3.89
C TYR A 50 -3.16 2.66 4.20
N ARG A 51 -4.44 3.01 4.24
CA ARG A 51 -5.51 2.04 4.45
C ARG A 51 -5.38 0.84 3.51
N ASP A 52 -5.08 1.13 2.24
CA ASP A 52 -4.92 0.11 1.22
C ASP A 52 -3.79 -0.83 1.59
N HIS A 53 -2.79 -0.29 2.27
CA HIS A 53 -1.69 -1.11 2.76
C HIS A 53 -2.21 -2.02 3.85
N CYS A 54 -2.94 -1.43 4.79
CA CYS A 54 -3.48 -2.16 5.92
C CYS A 54 -4.34 -3.33 5.44
N GLU A 55 -5.20 -3.06 4.46
CA GLU A 55 -6.10 -4.07 3.95
C GLU A 55 -5.36 -5.12 3.12
N PHE A 56 -4.42 -4.68 2.29
CA PHE A 56 -3.60 -5.61 1.51
C PHE A 56 -2.73 -6.47 2.43
N LYS A 57 -2.03 -5.81 3.37
CA LYS A 57 -1.18 -6.50 4.35
C LYS A 57 -1.98 -7.56 5.07
N ASN A 58 -3.23 -7.24 5.32
CA ASN A 58 -4.15 -8.13 6.02
C ASN A 58 -4.21 -9.50 5.36
N LYS A 59 -4.33 -9.52 4.03
CA LYS A 59 -4.51 -10.77 3.32
C LYS A 59 -3.19 -11.55 3.25
N LEU A 60 -2.08 -10.83 3.13
CA LEU A 60 -0.76 -11.47 3.09
C LEU A 60 -0.35 -11.95 4.48
N LEU A 61 -0.65 -11.14 5.49
CA LEU A 61 -0.32 -11.46 6.86
C LEU A 61 -1.14 -12.66 7.34
N SER A 62 -2.34 -12.80 6.81
CA SER A 62 -3.21 -13.90 7.13
C SER A 62 -2.69 -15.20 6.50
N ARG A 63 -2.24 -15.11 5.25
CA ARG A 63 -1.77 -16.28 4.51
C ARG A 63 -0.31 -16.58 4.82
N ALA A 64 0.39 -15.58 5.37
CA ALA A 64 1.81 -15.68 5.67
C ALA A 64 2.62 -15.95 4.40
N ASN A 65 2.76 -14.93 3.55
CA ASN A 65 3.45 -15.09 2.28
C ASN A 65 4.96 -15.15 2.51
N GLY A 66 5.61 -16.03 1.77
CA GLY A 66 7.04 -16.20 1.90
C GLY A 66 7.38 -17.52 2.56
N MET A 1 10.00 6.99 12.27
CA MET A 1 10.77 7.13 11.02
C MET A 1 10.95 8.61 10.71
N GLN A 2 9.84 9.28 10.38
CA GLN A 2 9.81 10.72 10.15
C GLN A 2 8.43 11.08 9.62
N HIS A 3 7.87 10.19 8.81
CA HIS A 3 6.52 10.35 8.32
C HIS A 3 5.62 9.40 9.07
N GLU A 4 4.88 9.94 10.02
CA GLU A 4 3.99 9.14 10.85
C GLU A 4 2.56 9.35 10.41
N LEU A 5 1.79 8.27 10.34
CA LEU A 5 0.45 8.35 9.80
C LEU A 5 -0.48 7.33 10.44
N GLN A 6 -1.77 7.54 10.22
CA GLN A 6 -2.81 6.63 10.68
C GLN A 6 -3.48 6.00 9.47
N PRO A 7 -4.29 4.93 9.65
CA PRO A 7 -5.04 4.26 8.57
C PRO A 7 -5.47 5.18 7.43
N ASP A 8 -6.03 6.33 7.76
CA ASP A 8 -6.37 7.30 6.73
C ASP A 8 -5.32 8.39 6.67
N SER A 9 -4.45 8.30 5.66
CA SER A 9 -3.36 9.24 5.48
C SER A 9 -2.64 8.91 4.17
N LEU A 10 -1.65 9.71 3.83
CA LEU A 10 -0.97 9.59 2.55
C LEU A 10 0.40 8.95 2.69
N VAL A 11 0.57 7.82 2.02
CA VAL A 11 1.84 7.13 1.95
C VAL A 11 2.45 7.35 0.57
N ASP A 12 3.74 7.05 0.43
CA ASP A 12 4.42 7.24 -0.84
C ASP A 12 4.77 5.90 -1.47
N LEU A 13 5.14 5.93 -2.75
CA LEU A 13 5.53 4.72 -3.47
C LEU A 13 6.74 4.06 -2.82
N LYS A 14 7.76 4.87 -2.55
CA LYS A 14 8.98 4.41 -1.90
C LYS A 14 8.66 3.84 -0.53
N PHE A 15 7.66 4.43 0.10
CA PHE A 15 7.19 4.00 1.40
C PHE A 15 6.66 2.56 1.34
N ILE A 16 5.79 2.31 0.36
CA ILE A 16 5.28 0.96 0.13
C ILE A 16 6.42 -0.04 0.01
N MET A 17 7.41 0.31 -0.81
CA MET A 17 8.57 -0.54 -1.03
C MET A 17 9.31 -0.78 0.28
N ALA A 18 9.26 0.18 1.18
CA ALA A 18 9.88 0.07 2.48
C ALA A 18 9.14 -0.95 3.35
N ASP A 19 7.82 -0.79 3.48
CA ASP A 19 7.05 -1.64 4.39
C ASP A 19 6.88 -3.05 3.83
N THR A 20 7.09 -3.22 2.53
CA THR A 20 6.97 -4.53 1.91
C THR A 20 8.33 -5.17 1.62
N GLY A 21 9.18 -4.42 0.93
CA GLY A 21 10.42 -4.98 0.44
C GLY A 21 10.28 -5.46 -0.98
N PHE A 22 9.18 -5.07 -1.62
CA PHE A 22 8.87 -5.51 -2.98
C PHE A 22 8.85 -4.33 -3.95
N GLY A 23 8.63 -4.63 -5.22
CA GLY A 23 8.58 -3.60 -6.24
C GLY A 23 7.16 -3.22 -6.60
N LYS A 24 7.01 -2.09 -7.28
CA LYS A 24 5.70 -1.54 -7.65
C LYS A 24 4.76 -2.58 -8.25
N THR A 25 5.28 -3.50 -9.06
CA THR A 25 4.45 -4.50 -9.71
C THR A 25 3.65 -5.32 -8.67
N PHE A 26 4.34 -5.76 -7.63
CA PHE A 26 3.71 -6.48 -6.54
C PHE A 26 2.68 -5.58 -5.87
N ILE A 27 3.08 -4.34 -5.61
CA ILE A 27 2.24 -3.39 -4.90
C ILE A 27 0.88 -3.23 -5.58
N TYR A 28 0.90 -2.82 -6.82
CA TYR A 28 -0.33 -2.53 -7.54
C TYR A 28 -1.26 -3.73 -7.58
N ASP A 29 -0.71 -4.91 -7.86
CA ASP A 29 -1.53 -6.12 -7.91
C ASP A 29 -2.00 -6.51 -6.51
N ARG A 30 -1.07 -6.47 -5.57
CA ARG A 30 -1.33 -6.90 -4.20
C ARG A 30 -2.33 -5.99 -3.50
N ILE A 31 -2.21 -4.69 -3.70
CA ILE A 31 -3.09 -3.73 -3.03
C ILE A 31 -4.48 -3.77 -3.64
N LYS A 32 -4.58 -3.94 -4.95
CA LYS A 32 -5.87 -4.20 -5.57
C LYS A 32 -6.48 -5.47 -4.98
N SER A 33 -5.63 -6.45 -4.76
CA SER A 33 -6.01 -7.72 -4.16
C SER A 33 -6.45 -7.53 -2.71
N GLY A 34 -5.88 -6.53 -2.05
CA GLY A 34 -6.24 -6.24 -0.68
C GLY A 34 -7.70 -5.86 -0.54
N ASP A 35 -8.04 -4.66 -0.97
CA ASP A 35 -9.43 -4.21 -0.95
C ASP A 35 -9.66 -3.06 -1.93
N LEU A 36 -8.92 -3.08 -3.04
CA LEU A 36 -9.00 -2.04 -4.07
C LEU A 36 -8.62 -0.67 -3.52
N PRO A 37 -7.42 -0.16 -3.88
CA PRO A 37 -6.88 1.07 -3.32
C PRO A 37 -7.84 2.25 -3.45
N LYS A 38 -7.98 2.99 -2.35
CA LYS A 38 -8.80 4.19 -2.33
C LYS A 38 -7.92 5.40 -2.63
N ALA A 39 -6.60 5.16 -2.65
CA ALA A 39 -5.60 6.15 -3.02
C ALA A 39 -5.99 6.98 -4.23
N LYS A 40 -5.40 8.16 -4.34
CA LYS A 40 -5.76 9.05 -5.42
C LYS A 40 -4.66 9.03 -6.46
N VAL A 41 -4.74 8.03 -7.31
CA VAL A 41 -3.79 7.82 -8.37
C VAL A 41 -4.38 8.23 -9.73
N ILE A 42 -3.88 9.31 -10.28
CA ILE A 42 -4.42 9.85 -11.51
C ILE A 42 -3.52 9.54 -12.70
N HIS A 43 -2.23 9.41 -12.44
CA HIS A 43 -1.27 9.20 -13.53
C HIS A 43 -0.47 7.92 -13.32
N GLY A 44 -1.15 6.87 -12.88
CA GLY A 44 -0.48 5.61 -12.60
C GLY A 44 0.25 5.63 -11.27
N ARG A 45 0.67 6.81 -10.86
CA ARG A 45 1.28 7.03 -9.56
C ARG A 45 0.95 8.44 -9.09
N ALA A 46 0.78 8.60 -7.78
CA ALA A 46 0.52 9.90 -7.19
C ALA A 46 0.67 9.85 -5.67
N ARG A 47 -0.43 9.61 -4.97
CA ARG A 47 -0.41 9.48 -3.52
C ARG A 47 -1.27 8.30 -3.11
N TRP A 48 -0.72 7.45 -2.28
CA TRP A 48 -1.42 6.24 -1.89
C TRP A 48 -1.96 6.39 -0.48
N LEU A 49 -3.13 5.81 -0.21
CA LEU A 49 -3.70 5.86 1.11
C LEU A 49 -3.15 4.72 1.95
N TYR A 50 -2.82 5.03 3.20
CA TYR A 50 -2.30 4.01 4.11
C TYR A 50 -3.30 2.88 4.28
N ARG A 51 -4.59 3.23 4.33
CA ARG A 51 -5.67 2.26 4.42
C ARG A 51 -5.49 1.13 3.40
N ASP A 52 -5.12 1.48 2.18
CA ASP A 52 -4.92 0.50 1.12
C ASP A 52 -3.84 -0.48 1.51
N HIS A 53 -2.87 0.01 2.25
CA HIS A 53 -1.80 -0.84 2.77
C HIS A 53 -2.34 -1.65 3.93
N CYS A 54 -3.14 -1.01 4.77
CA CYS A 54 -3.72 -1.67 5.92
C CYS A 54 -4.54 -2.87 5.47
N GLU A 55 -5.35 -2.66 4.43
CA GLU A 55 -6.19 -3.71 3.88
C GLU A 55 -5.34 -4.81 3.24
N PHE A 56 -4.42 -4.40 2.37
CA PHE A 56 -3.59 -5.35 1.66
C PHE A 56 -2.69 -6.15 2.60
N LYS A 57 -2.01 -5.47 3.52
CA LYS A 57 -1.17 -6.12 4.53
C LYS A 57 -1.99 -7.11 5.33
N ASN A 58 -3.24 -6.72 5.56
CA ASN A 58 -4.21 -7.55 6.27
C ASN A 58 -4.40 -8.90 5.57
N LYS A 59 -4.50 -8.86 4.24
CA LYS A 59 -4.72 -10.05 3.48
C LYS A 59 -3.45 -10.90 3.43
N LEU A 60 -2.29 -10.24 3.41
CA LEU A 60 -1.02 -10.94 3.49
C LEU A 60 -0.86 -11.62 4.85
N LEU A 61 -1.29 -10.90 5.89
CA LEU A 61 -1.25 -11.39 7.26
C LEU A 61 -2.21 -12.56 7.44
N SER A 62 -3.36 -12.48 6.79
CA SER A 62 -4.37 -13.53 6.84
C SER A 62 -3.80 -14.86 6.34
N ARG A 63 -2.95 -14.79 5.32
CA ARG A 63 -2.32 -15.99 4.79
C ARG A 63 -0.96 -16.23 5.40
N ALA A 64 0.08 -15.79 4.69
CA ALA A 64 1.47 -15.93 5.16
C ALA A 64 2.39 -15.11 4.28
N ASN A 65 2.02 -13.85 4.09
CA ASN A 65 2.70 -12.95 3.15
C ASN A 65 2.60 -13.54 1.74
N GLY A 66 1.41 -14.02 1.41
CA GLY A 66 1.17 -14.60 0.11
C GLY A 66 -0.22 -14.27 -0.37
N MET A 1 14.81 7.95 10.17
CA MET A 1 13.58 8.25 10.92
C MET A 1 12.39 7.54 10.30
N GLN A 2 11.78 6.64 11.07
CA GLN A 2 10.59 5.95 10.61
C GLN A 2 9.39 6.90 10.68
N HIS A 3 8.49 6.76 9.71
CA HIS A 3 7.38 7.69 9.58
C HIS A 3 6.09 7.07 10.09
N GLU A 4 5.34 7.82 10.86
CA GLU A 4 4.10 7.33 11.43
C GLU A 4 2.90 8.12 10.93
N LEU A 5 1.87 7.40 10.54
CA LEU A 5 0.61 7.96 10.11
C LEU A 5 -0.51 6.99 10.44
N GLN A 6 -1.74 7.44 10.36
CA GLN A 6 -2.87 6.59 10.66
C GLN A 6 -3.49 6.09 9.37
N PRO A 7 -4.35 5.04 9.43
CA PRO A 7 -4.97 4.44 8.25
C PRO A 7 -5.38 5.44 7.17
N ASP A 8 -5.88 6.60 7.57
CA ASP A 8 -6.20 7.63 6.61
C ASP A 8 -5.10 8.70 6.60
N SER A 9 -4.26 8.61 5.59
CA SER A 9 -3.17 9.55 5.35
C SER A 9 -2.50 9.14 4.06
N LEU A 10 -1.54 9.94 3.59
CA LEU A 10 -0.93 9.68 2.30
C LEU A 10 0.44 9.04 2.47
N VAL A 11 0.57 7.86 1.89
CA VAL A 11 1.83 7.17 1.81
C VAL A 11 2.36 7.27 0.39
N ASP A 12 3.65 7.05 0.22
CA ASP A 12 4.26 7.19 -1.09
C ASP A 12 4.55 5.82 -1.71
N LEU A 13 4.81 5.78 -3.00
CA LEU A 13 5.18 4.55 -3.67
C LEU A 13 6.46 3.99 -3.07
N LYS A 14 7.41 4.88 -2.80
CA LYS A 14 8.67 4.51 -2.15
C LYS A 14 8.36 3.95 -0.78
N PHE A 15 7.35 4.52 -0.15
CA PHE A 15 6.93 4.09 1.17
C PHE A 15 6.45 2.64 1.12
N ILE A 16 5.58 2.33 0.14
CA ILE A 16 5.10 0.97 -0.03
C ILE A 16 6.27 -0.02 -0.17
N MET A 17 7.29 0.40 -0.91
CA MET A 17 8.49 -0.42 -1.08
C MET A 17 9.19 -0.63 0.26
N ALA A 18 9.23 0.42 1.08
CA ALA A 18 9.77 0.31 2.43
C ALA A 18 8.82 -0.49 3.33
N ASP A 19 7.54 -0.46 2.98
CA ASP A 19 6.48 -1.11 3.74
C ASP A 19 6.70 -2.62 3.77
N THR A 20 6.94 -3.21 2.60
CA THR A 20 7.12 -4.65 2.49
C THR A 20 8.55 -5.02 2.10
N GLY A 21 9.11 -4.29 1.15
CA GLY A 21 10.45 -4.57 0.69
C GLY A 21 10.46 -5.11 -0.73
N PHE A 22 9.32 -4.99 -1.41
CA PHE A 22 9.17 -5.55 -2.74
C PHE A 22 8.97 -4.45 -3.78
N GLY A 23 9.04 -4.83 -5.06
CA GLY A 23 8.89 -3.88 -6.13
C GLY A 23 7.44 -3.56 -6.44
N LYS A 24 7.23 -2.45 -7.16
CA LYS A 24 5.90 -1.97 -7.52
C LYS A 24 5.00 -3.05 -8.14
N THR A 25 5.58 -3.95 -8.94
CA THR A 25 4.80 -5.00 -9.60
C THR A 25 4.01 -5.81 -8.57
N PHE A 26 4.67 -6.13 -7.46
CA PHE A 26 4.03 -6.78 -6.34
C PHE A 26 2.95 -5.88 -5.76
N ILE A 27 3.35 -4.65 -5.43
CA ILE A 27 2.47 -3.68 -4.76
C ILE A 27 1.13 -3.56 -5.46
N TYR A 28 1.15 -3.12 -6.70
CA TYR A 28 -0.07 -2.77 -7.42
C TYR A 28 -1.03 -3.97 -7.48
N ASP A 29 -0.50 -5.19 -7.45
CA ASP A 29 -1.37 -6.37 -7.50
C ASP A 29 -1.93 -6.65 -6.11
N ARG A 30 -1.04 -6.57 -5.12
CA ARG A 30 -1.42 -6.85 -3.74
C ARG A 30 -2.49 -5.88 -3.26
N ILE A 31 -2.29 -4.60 -3.56
CA ILE A 31 -3.18 -3.56 -3.06
C ILE A 31 -4.48 -3.53 -3.86
N LYS A 32 -4.38 -3.62 -5.19
CA LYS A 32 -5.57 -3.62 -6.03
C LYS A 32 -6.51 -4.77 -5.69
N SER A 33 -5.93 -5.94 -5.48
CA SER A 33 -6.70 -7.14 -5.15
C SER A 33 -7.07 -7.15 -3.67
N GLY A 34 -6.33 -6.39 -2.87
CA GLY A 34 -6.57 -6.35 -1.43
C GLY A 34 -7.94 -5.81 -1.11
N ASP A 35 -8.15 -4.53 -1.37
CA ASP A 35 -9.45 -3.90 -1.15
C ASP A 35 -9.49 -2.53 -1.82
N LEU A 36 -9.47 -2.58 -3.17
CA LEU A 36 -9.73 -1.41 -4.04
C LEU A 36 -9.22 -0.10 -3.44
N PRO A 37 -7.93 0.20 -3.64
CA PRO A 37 -7.27 1.36 -3.04
C PRO A 37 -8.06 2.66 -3.18
N LYS A 38 -8.19 3.36 -2.06
CA LYS A 38 -8.88 4.65 -2.04
C LYS A 38 -7.87 5.76 -2.28
N ALA A 39 -6.61 5.36 -2.47
CA ALA A 39 -5.52 6.25 -2.89
C ALA A 39 -5.97 7.34 -3.85
N LYS A 40 -5.31 8.47 -3.78
CA LYS A 40 -5.68 9.64 -4.56
C LYS A 40 -4.83 9.71 -5.82
N VAL A 41 -5.32 9.12 -6.88
CA VAL A 41 -4.60 9.05 -8.13
C VAL A 41 -5.12 10.09 -9.12
N ILE A 42 -4.36 11.15 -9.30
CA ILE A 42 -4.70 12.16 -10.29
C ILE A 42 -3.97 11.86 -11.59
N HIS A 43 -2.77 11.30 -11.47
CA HIS A 43 -1.97 10.94 -12.64
C HIS A 43 -0.80 10.05 -12.23
N GLY A 44 -0.83 8.81 -12.69
CA GLY A 44 0.28 7.90 -12.46
C GLY A 44 0.36 7.42 -11.03
N ARG A 45 -0.78 7.04 -10.45
CA ARG A 45 -0.84 6.51 -9.08
C ARG A 45 -0.11 7.44 -8.11
N ALA A 46 -0.64 8.65 -7.96
CA ALA A 46 0.03 9.71 -7.22
C ALA A 46 0.23 9.39 -5.74
N ARG A 47 -0.80 9.65 -4.93
CA ARG A 47 -0.70 9.43 -3.49
C ARG A 47 -1.49 8.20 -3.11
N TRP A 48 -0.93 7.39 -2.25
CA TRP A 48 -1.60 6.17 -1.82
C TRP A 48 -2.08 6.34 -0.38
N LEU A 49 -3.16 5.68 -0.02
CA LEU A 49 -3.66 5.73 1.33
C LEU A 49 -3.12 4.55 2.12
N TYR A 50 -2.85 4.77 3.40
CA TYR A 50 -2.32 3.72 4.26
C TYR A 50 -3.35 2.61 4.45
N ARG A 51 -4.62 3.01 4.51
CA ARG A 51 -5.72 2.05 4.61
C ARG A 51 -5.62 0.95 3.57
N ASP A 52 -5.25 1.32 2.35
CA ASP A 52 -5.10 0.35 1.26
C ASP A 52 -3.96 -0.60 1.56
N HIS A 53 -2.99 -0.11 2.30
CA HIS A 53 -1.87 -0.95 2.74
C HIS A 53 -2.37 -1.89 3.82
N CYS A 54 -3.21 -1.39 4.71
CA CYS A 54 -3.76 -2.20 5.78
C CYS A 54 -4.43 -3.45 5.22
N GLU A 55 -5.21 -3.25 4.15
CA GLU A 55 -5.92 -4.35 3.52
C GLU A 55 -4.95 -5.32 2.83
N PHE A 56 -4.02 -4.78 2.03
CA PHE A 56 -3.09 -5.62 1.31
C PHE A 56 -2.18 -6.39 2.27
N LYS A 57 -1.64 -5.68 3.26
CA LYS A 57 -0.84 -6.28 4.31
C LYS A 57 -1.64 -7.35 5.04
N ASN A 58 -2.93 -7.10 5.12
CA ASN A 58 -3.84 -7.97 5.85
C ASN A 58 -3.89 -9.36 5.24
N LYS A 59 -4.22 -9.46 3.97
CA LYS A 59 -4.39 -10.76 3.34
C LYS A 59 -3.03 -11.41 3.08
N LEU A 60 -1.99 -10.60 2.96
CA LEU A 60 -0.63 -11.13 2.83
C LEU A 60 -0.15 -11.71 4.14
N LEU A 61 -0.58 -11.11 5.23
CA LEU A 61 -0.19 -11.54 6.57
C LEU A 61 -0.92 -12.81 6.96
N SER A 62 -2.23 -12.82 6.75
CA SER A 62 -3.07 -13.96 7.12
C SER A 62 -2.91 -15.09 6.11
N ARG A 63 -2.83 -14.75 4.83
CA ARG A 63 -2.70 -15.73 3.77
C ARG A 63 -1.39 -15.51 3.04
N ALA A 64 -0.30 -15.97 3.65
CA ALA A 64 1.05 -15.76 3.12
C ALA A 64 1.19 -16.26 1.69
N ASN A 65 1.11 -15.35 0.74
CA ASN A 65 1.29 -15.68 -0.68
C ASN A 65 2.37 -14.79 -1.27
N GLY A 66 3.13 -14.16 -0.39
CA GLY A 66 4.21 -13.28 -0.82
C GLY A 66 5.19 -13.07 0.30
N MET A 1 12.15 13.72 9.76
CA MET A 1 12.30 12.60 8.82
C MET A 1 11.18 11.59 9.01
N GLN A 2 10.88 11.24 10.26
CA GLN A 2 9.90 10.21 10.55
C GLN A 2 8.48 10.75 10.46
N HIS A 3 7.63 10.02 9.75
CA HIS A 3 6.22 10.36 9.64
C HIS A 3 5.36 9.24 10.22
N GLU A 4 4.56 9.58 11.21
CA GLU A 4 3.68 8.59 11.82
C GLU A 4 2.26 8.79 11.33
N LEU A 5 1.83 7.91 10.45
CA LEU A 5 0.51 8.02 9.86
C LEU A 5 -0.45 7.00 10.47
N GLN A 6 -1.73 7.22 10.23
CA GLN A 6 -2.77 6.32 10.67
C GLN A 6 -3.50 5.80 9.43
N PRO A 7 -4.34 4.73 9.56
CA PRO A 7 -5.10 4.13 8.46
C PRO A 7 -5.45 5.10 7.31
N ASP A 8 -5.99 6.26 7.62
CA ASP A 8 -6.28 7.23 6.58
C ASP A 8 -5.21 8.31 6.57
N SER A 9 -4.34 8.22 5.59
CA SER A 9 -3.22 9.14 5.46
C SER A 9 -2.53 8.90 4.11
N LEU A 10 -1.61 9.78 3.75
CA LEU A 10 -0.98 9.73 2.45
C LEU A 10 0.42 9.17 2.52
N VAL A 11 0.59 8.00 1.91
CA VAL A 11 1.88 7.34 1.80
C VAL A 11 2.44 7.54 0.39
N ASP A 12 3.71 7.26 0.20
CA ASP A 12 4.32 7.37 -1.12
C ASP A 12 4.76 6.03 -1.64
N LEU A 13 5.00 5.94 -2.95
CA LEU A 13 5.40 4.68 -3.58
C LEU A 13 6.71 4.18 -2.97
N LYS A 14 7.61 5.11 -2.71
CA LYS A 14 8.89 4.81 -2.09
C LYS A 14 8.66 4.13 -0.74
N PHE A 15 7.77 4.72 0.02
CA PHE A 15 7.40 4.21 1.31
C PHE A 15 6.78 2.82 1.20
N ILE A 16 5.85 2.64 0.26
CA ILE A 16 5.25 1.34 0.00
C ILE A 16 6.32 0.27 -0.16
N MET A 17 7.41 0.61 -0.86
CA MET A 17 8.50 -0.32 -1.09
C MET A 17 9.07 -0.83 0.22
N ALA A 18 9.18 0.06 1.20
CA ALA A 18 9.66 -0.32 2.53
C ALA A 18 8.59 -1.13 3.27
N ASP A 19 7.35 -0.68 3.17
CA ASP A 19 6.21 -1.31 3.85
C ASP A 19 5.93 -2.71 3.28
N THR A 20 6.33 -2.93 2.03
CA THR A 20 6.12 -4.21 1.37
C THR A 20 7.39 -5.05 1.42
N GLY A 21 8.49 -4.46 0.99
CA GLY A 21 9.73 -5.18 0.81
C GLY A 21 9.89 -5.61 -0.63
N PHE A 22 8.93 -5.21 -1.46
CA PHE A 22 8.86 -5.65 -2.84
C PHE A 22 8.77 -4.47 -3.80
N GLY A 23 8.61 -4.76 -5.09
CA GLY A 23 8.58 -3.71 -6.09
C GLY A 23 7.17 -3.32 -6.49
N LYS A 24 7.06 -2.30 -7.35
CA LYS A 24 5.78 -1.75 -7.80
C LYS A 24 4.79 -2.83 -8.18
N THR A 25 5.23 -3.78 -9.00
CA THR A 25 4.35 -4.82 -9.53
C THR A 25 3.59 -5.55 -8.42
N PHE A 26 4.29 -5.94 -7.37
CA PHE A 26 3.66 -6.59 -6.24
C PHE A 26 2.67 -5.64 -5.59
N ILE A 27 3.08 -4.40 -5.40
CA ILE A 27 2.26 -3.39 -4.74
C ILE A 27 0.93 -3.23 -5.43
N TYR A 28 0.96 -2.80 -6.68
CA TYR A 28 -0.25 -2.49 -7.42
C TYR A 28 -1.18 -3.70 -7.47
N ASP A 29 -0.61 -4.88 -7.69
CA ASP A 29 -1.40 -6.11 -7.73
C ASP A 29 -1.97 -6.44 -6.35
N ARG A 30 -1.08 -6.49 -5.36
CA ARG A 30 -1.45 -6.90 -4.01
C ARG A 30 -2.43 -5.95 -3.36
N ILE A 31 -2.23 -4.65 -3.57
CA ILE A 31 -3.08 -3.64 -2.94
C ILE A 31 -4.45 -3.60 -3.61
N LYS A 32 -4.49 -3.73 -4.94
CA LYS A 32 -5.75 -3.91 -5.63
C LYS A 32 -6.45 -5.17 -5.11
N SER A 33 -5.64 -6.18 -4.87
CA SER A 33 -6.10 -7.44 -4.31
C SER A 33 -6.54 -7.28 -2.86
N GLY A 34 -6.06 -6.21 -2.22
CA GLY A 34 -6.41 -5.96 -0.83
C GLY A 34 -7.87 -5.57 -0.68
N ASP A 35 -8.22 -4.43 -1.24
CA ASP A 35 -9.62 -3.96 -1.22
C ASP A 35 -9.83 -2.85 -2.24
N LEU A 36 -9.01 -2.87 -3.30
CA LEU A 36 -9.01 -1.82 -4.31
C LEU A 36 -8.65 -0.47 -3.69
N PRO A 37 -7.42 0.03 -3.94
CA PRO A 37 -6.89 1.23 -3.30
C PRO A 37 -7.81 2.44 -3.39
N LYS A 38 -8.02 3.08 -2.26
CA LYS A 38 -8.81 4.30 -2.18
C LYS A 38 -7.89 5.49 -2.40
N ALA A 39 -6.59 5.20 -2.51
CA ALA A 39 -5.57 6.16 -2.86
C ALA A 39 -5.98 7.05 -4.02
N LYS A 40 -5.33 8.21 -4.11
CA LYS A 40 -5.66 9.18 -5.12
C LYS A 40 -4.63 9.10 -6.23
N VAL A 41 -4.84 8.15 -7.11
CA VAL A 41 -3.93 7.88 -8.19
C VAL A 41 -4.62 8.09 -9.53
N ILE A 42 -3.96 8.83 -10.42
CA ILE A 42 -4.50 9.07 -11.74
C ILE A 42 -3.45 8.85 -12.82
N HIS A 43 -2.20 9.15 -12.50
CA HIS A 43 -1.11 8.99 -13.46
C HIS A 43 -0.37 7.67 -13.23
N GLY A 44 -1.06 6.72 -12.62
CA GLY A 44 -0.41 5.47 -12.25
C GLY A 44 0.33 5.60 -10.93
N ARG A 45 0.73 6.82 -10.64
CA ARG A 45 1.41 7.14 -9.39
C ARG A 45 0.97 8.52 -8.93
N ALA A 46 0.79 8.70 -7.63
CA ALA A 46 0.44 10.00 -7.06
C ALA A 46 0.54 9.96 -5.54
N ARG A 47 -0.58 9.73 -4.88
CA ARG A 47 -0.62 9.66 -3.42
C ARG A 47 -1.44 8.47 -3.00
N TRP A 48 -0.84 7.58 -2.23
CA TRP A 48 -1.50 6.34 -1.87
C TRP A 48 -1.98 6.40 -0.43
N LEU A 49 -3.12 5.79 -0.15
CA LEU A 49 -3.65 5.78 1.20
C LEU A 49 -3.10 4.60 1.97
N TYR A 50 -2.76 4.83 3.23
CA TYR A 50 -2.21 3.78 4.07
C TYR A 50 -3.23 2.66 4.27
N ARG A 51 -4.51 3.03 4.30
CA ARG A 51 -5.61 2.06 4.40
C ARG A 51 -5.48 0.94 3.38
N ASP A 52 -5.08 1.30 2.16
CA ASP A 52 -4.91 0.33 1.09
C ASP A 52 -3.82 -0.66 1.46
N HIS A 53 -2.82 -0.15 2.16
CA HIS A 53 -1.75 -0.99 2.67
C HIS A 53 -2.28 -1.84 3.80
N CYS A 54 -3.12 -1.23 4.63
CA CYS A 54 -3.73 -1.93 5.76
C CYS A 54 -4.44 -3.18 5.28
N GLU A 55 -5.20 -3.06 4.18
CA GLU A 55 -5.91 -4.20 3.62
C GLU A 55 -4.94 -5.25 3.08
N PHE A 56 -3.98 -4.81 2.26
CA PHE A 56 -3.04 -5.75 1.67
C PHE A 56 -2.21 -6.45 2.74
N LYS A 57 -1.65 -5.66 3.66
CA LYS A 57 -0.87 -6.19 4.79
C LYS A 57 -1.72 -7.13 5.62
N ASN A 58 -3.00 -6.85 5.65
CA ASN A 58 -3.96 -7.59 6.44
C ASN A 58 -4.03 -9.04 6.01
N LYS A 59 -4.34 -9.27 4.74
CA LYS A 59 -4.54 -10.63 4.26
C LYS A 59 -3.21 -11.33 4.02
N LEU A 60 -2.14 -10.56 3.87
CA LEU A 60 -0.79 -11.13 3.78
C LEU A 60 -0.29 -11.54 5.16
N LEU A 61 -0.81 -10.89 6.19
CA LEU A 61 -0.49 -11.25 7.57
C LEU A 61 -1.13 -12.58 7.91
N SER A 62 -2.30 -12.81 7.31
CA SER A 62 -3.02 -14.06 7.50
C SER A 62 -2.51 -15.13 6.54
N ARG A 63 -1.65 -14.69 5.60
CA ARG A 63 -1.09 -15.52 4.56
C ARG A 63 -2.11 -16.41 3.90
N ALA A 64 -3.30 -15.87 3.66
CA ALA A 64 -4.38 -16.63 3.05
C ALA A 64 -4.93 -15.89 1.83
N ASN A 65 -4.07 -15.66 0.85
CA ASN A 65 -4.47 -14.96 -0.36
C ASN A 65 -3.65 -15.45 -1.55
N GLY A 66 -3.22 -16.70 -1.47
CA GLY A 66 -2.43 -17.30 -2.53
C GLY A 66 -2.85 -18.71 -2.79
N MET A 1 13.62 12.62 13.04
CA MET A 1 12.93 12.49 11.74
C MET A 1 12.02 11.27 11.76
N GLN A 2 10.71 11.51 11.74
CA GLN A 2 9.74 10.42 11.79
C GLN A 2 8.58 10.68 10.84
N HIS A 3 8.07 9.62 10.24
CA HIS A 3 6.89 9.71 9.39
C HIS A 3 5.68 9.15 10.13
N GLU A 4 4.82 10.04 10.60
CA GLU A 4 3.57 9.63 11.22
C GLU A 4 2.41 9.86 10.28
N LEU A 5 1.44 8.97 10.34
CA LEU A 5 0.24 9.08 9.52
C LEU A 5 -0.89 8.26 10.12
N GLN A 6 -2.10 8.60 9.73
CA GLN A 6 -3.28 7.88 10.18
C GLN A 6 -3.84 7.07 9.01
N PRO A 7 -4.77 6.13 9.27
CA PRO A 7 -5.42 5.33 8.22
C PRO A 7 -5.69 6.10 6.94
N ASP A 8 -6.24 7.30 7.06
CA ASP A 8 -6.43 8.15 5.89
C ASP A 8 -5.34 9.21 5.86
N SER A 9 -4.37 8.97 4.99
CA SER A 9 -3.20 9.83 4.89
C SER A 9 -2.48 9.45 3.60
N LEU A 10 -1.25 9.92 3.44
CA LEU A 10 -0.53 9.70 2.20
C LEU A 10 0.80 8.99 2.40
N VAL A 11 0.87 7.79 1.88
CA VAL A 11 2.12 7.07 1.73
C VAL A 11 2.54 7.14 0.27
N ASP A 12 3.80 6.89 -0.03
CA ASP A 12 4.27 6.98 -1.40
C ASP A 12 4.93 5.67 -1.82
N LEU A 13 5.22 5.55 -3.11
CA LEU A 13 5.85 4.36 -3.68
C LEU A 13 7.05 3.88 -2.86
N LYS A 14 7.94 4.81 -2.52
CA LYS A 14 9.14 4.50 -1.77
C LYS A 14 8.76 3.89 -0.43
N PHE A 15 7.73 4.46 0.17
CA PHE A 15 7.22 3.99 1.44
C PHE A 15 6.70 2.56 1.34
N ILE A 16 5.84 2.31 0.37
CA ILE A 16 5.31 0.96 0.12
C ILE A 16 6.46 -0.03 -0.03
N MET A 17 7.45 0.34 -0.83
CA MET A 17 8.62 -0.48 -1.05
C MET A 17 9.37 -0.72 0.26
N ALA A 18 9.40 0.30 1.11
CA ALA A 18 10.06 0.22 2.40
C ALA A 18 9.32 -0.75 3.33
N ASP A 19 7.99 -0.66 3.35
CA ASP A 19 7.18 -1.50 4.23
C ASP A 19 7.28 -2.97 3.84
N THR A 20 7.23 -3.25 2.54
CA THR A 20 7.13 -4.62 2.08
C THR A 20 8.47 -5.21 1.69
N GLY A 21 9.31 -4.41 1.04
CA GLY A 21 10.58 -4.90 0.54
C GLY A 21 10.45 -5.44 -0.87
N PHE A 22 9.40 -5.02 -1.57
CA PHE A 22 9.13 -5.50 -2.92
C PHE A 22 9.05 -4.33 -3.90
N GLY A 23 8.75 -4.64 -5.15
CA GLY A 23 8.67 -3.63 -6.19
C GLY A 23 7.25 -3.26 -6.57
N LYS A 24 7.13 -2.18 -7.36
CA LYS A 24 5.83 -1.63 -7.77
C LYS A 24 4.84 -2.68 -8.29
N THR A 25 5.32 -3.64 -9.08
CA THR A 25 4.43 -4.65 -9.66
C THR A 25 3.69 -5.41 -8.56
N PHE A 26 4.41 -5.79 -7.52
CA PHE A 26 3.84 -6.46 -6.37
C PHE A 26 2.79 -5.56 -5.73
N ILE A 27 3.16 -4.31 -5.55
CA ILE A 27 2.31 -3.34 -4.88
C ILE A 27 0.96 -3.21 -5.58
N TYR A 28 1.00 -2.82 -6.84
CA TYR A 28 -0.21 -2.54 -7.60
C TYR A 28 -1.13 -3.75 -7.66
N ASP A 29 -0.57 -4.93 -7.85
CA ASP A 29 -1.37 -6.16 -7.84
C ASP A 29 -1.91 -6.43 -6.44
N ARG A 30 -1.01 -6.41 -5.46
CA ARG A 30 -1.34 -6.79 -4.09
C ARG A 30 -2.37 -5.85 -3.49
N ILE A 31 -2.24 -4.56 -3.77
CA ILE A 31 -3.13 -3.55 -3.21
C ILE A 31 -4.51 -3.64 -3.86
N LYS A 32 -4.55 -3.71 -5.19
CA LYS A 32 -5.83 -3.85 -5.90
C LYS A 32 -6.57 -5.10 -5.43
N SER A 33 -5.81 -6.14 -5.18
CA SER A 33 -6.36 -7.40 -4.69
C SER A 33 -6.49 -7.38 -3.17
N GLY A 34 -6.02 -6.31 -2.55
CA GLY A 34 -6.14 -6.18 -1.11
C GLY A 34 -7.56 -5.88 -0.71
N ASP A 35 -8.07 -4.77 -1.23
CA ASP A 35 -9.48 -4.43 -1.09
C ASP A 35 -9.82 -3.25 -2.01
N LEU A 36 -9.18 -3.22 -3.18
CA LEU A 36 -9.35 -2.13 -4.15
C LEU A 36 -8.78 -0.82 -3.60
N PRO A 37 -7.89 -0.17 -4.38
CA PRO A 37 -7.15 1.01 -3.93
C PRO A 37 -8.02 2.10 -3.31
N LYS A 38 -7.74 2.40 -2.05
CA LYS A 38 -8.36 3.53 -1.36
C LYS A 38 -7.63 4.82 -1.74
N ALA A 39 -6.37 4.64 -2.14
CA ALA A 39 -5.49 5.73 -2.56
C ALA A 39 -6.14 6.68 -3.56
N LYS A 40 -5.60 7.88 -3.62
CA LYS A 40 -6.11 8.90 -4.50
C LYS A 40 -5.17 9.07 -5.70
N VAL A 41 -5.35 8.22 -6.69
CA VAL A 41 -4.49 8.19 -7.86
C VAL A 41 -5.06 9.08 -8.97
N ILE A 42 -4.21 9.90 -9.55
CA ILE A 42 -4.63 10.80 -10.62
C ILE A 42 -3.95 10.47 -11.94
N HIS A 43 -2.74 9.93 -11.88
CA HIS A 43 -1.97 9.66 -13.08
C HIS A 43 -1.15 8.39 -12.92
N GLY A 44 -1.83 7.28 -12.66
CA GLY A 44 -1.15 6.00 -12.43
C GLY A 44 -0.53 5.93 -11.05
N ARG A 45 -0.17 7.08 -10.52
CA ARG A 45 0.30 7.23 -9.16
C ARG A 45 -0.10 8.60 -8.66
N ALA A 46 0.13 8.85 -7.36
CA ALA A 46 -0.12 10.16 -6.76
C ALA A 46 0.15 10.09 -5.26
N ARG A 47 -0.86 9.72 -4.50
CA ARG A 47 -0.72 9.54 -3.06
C ARG A 47 -1.52 8.31 -2.65
N TRP A 48 -0.89 7.44 -1.89
CA TRP A 48 -1.51 6.17 -1.56
C TRP A 48 -2.00 6.20 -0.11
N LEU A 49 -3.18 5.66 0.12
CA LEU A 49 -3.76 5.65 1.44
C LEU A 49 -3.17 4.55 2.30
N TYR A 50 -2.84 4.90 3.53
CA TYR A 50 -2.28 3.93 4.46
C TYR A 50 -3.31 2.85 4.80
N ARG A 51 -4.56 3.25 5.00
CA ARG A 51 -5.65 2.29 5.26
C ARG A 51 -5.74 1.26 4.15
N ASP A 52 -5.49 1.73 2.93
CA ASP A 52 -5.43 0.84 1.77
C ASP A 52 -4.38 -0.24 1.97
N HIS A 53 -3.24 0.18 2.48
CA HIS A 53 -2.16 -0.74 2.77
C HIS A 53 -2.61 -1.75 3.81
N CYS A 54 -3.37 -1.29 4.78
CA CYS A 54 -3.94 -2.17 5.79
C CYS A 54 -4.75 -3.27 5.11
N GLU A 55 -5.42 -2.92 4.02
CA GLU A 55 -6.23 -3.88 3.27
C GLU A 55 -5.36 -4.91 2.57
N PHE A 56 -4.36 -4.43 1.83
CA PHE A 56 -3.44 -5.33 1.14
C PHE A 56 -2.66 -6.17 2.15
N LYS A 57 -2.14 -5.50 3.18
CA LYS A 57 -1.45 -6.17 4.28
C LYS A 57 -2.36 -7.21 4.92
N ASN A 58 -3.65 -6.95 4.87
CA ASN A 58 -4.66 -7.79 5.50
C ASN A 58 -4.74 -9.12 4.80
N LYS A 59 -4.87 -9.10 3.49
CA LYS A 59 -5.02 -10.33 2.73
C LYS A 59 -3.70 -11.11 2.71
N LEU A 60 -2.60 -10.41 2.90
CA LEU A 60 -1.29 -11.06 3.05
C LEU A 60 -1.14 -11.64 4.45
N LEU A 61 -1.63 -10.92 5.44
CA LEU A 61 -1.58 -11.34 6.82
C LEU A 61 -2.56 -12.50 7.08
N SER A 62 -3.74 -12.39 6.52
CA SER A 62 -4.79 -13.37 6.73
C SER A 62 -4.52 -14.66 5.95
N ARG A 63 -4.25 -14.53 4.66
CA ARG A 63 -4.16 -15.70 3.79
C ARG A 63 -2.71 -16.10 3.51
N ALA A 64 -1.77 -15.21 3.79
CA ALA A 64 -0.34 -15.48 3.62
C ALA A 64 -0.02 -16.00 2.21
N ASN A 65 0.06 -15.08 1.25
CA ASN A 65 0.32 -15.45 -0.14
C ASN A 65 1.52 -14.66 -0.67
N GLY A 66 1.96 -15.00 -1.87
CA GLY A 66 3.08 -14.33 -2.46
C GLY A 66 3.01 -14.30 -3.97
N MET A 1 14.27 11.14 13.70
CA MET A 1 13.78 10.82 12.34
C MET A 1 12.68 9.78 12.39
N GLN A 2 11.44 10.23 12.49
CA GLN A 2 10.31 9.32 12.53
C GLN A 2 9.01 10.08 12.31
N HIS A 3 8.41 9.90 11.15
CA HIS A 3 7.12 10.51 10.84
C HIS A 3 6.04 9.43 10.82
N GLU A 4 5.05 9.58 11.67
CA GLU A 4 4.02 8.57 11.82
C GLU A 4 2.74 8.97 11.13
N LEU A 5 2.16 8.04 10.40
CA LEU A 5 0.89 8.26 9.74
C LEU A 5 -0.17 7.29 10.28
N GLN A 6 -1.42 7.66 10.12
CA GLN A 6 -2.53 6.85 10.59
C GLN A 6 -3.25 6.22 9.40
N PRO A 7 -4.14 5.21 9.65
CA PRO A 7 -4.89 4.49 8.60
C PRO A 7 -5.25 5.34 7.38
N ASP A 8 -5.83 6.49 7.59
CA ASP A 8 -6.11 7.38 6.47
C ASP A 8 -5.08 8.49 6.44
N SER A 9 -4.14 8.36 5.52
CA SER A 9 -3.03 9.28 5.40
C SER A 9 -2.36 9.10 4.04
N LEU A 10 -1.39 9.93 3.75
CA LEU A 10 -0.78 9.96 2.43
C LEU A 10 0.60 9.31 2.44
N VAL A 11 0.67 8.11 1.90
CA VAL A 11 1.92 7.39 1.73
C VAL A 11 2.36 7.48 0.28
N ASP A 12 3.62 7.14 0.00
CA ASP A 12 4.12 7.25 -1.36
C ASP A 12 4.66 5.89 -1.85
N LEU A 13 4.84 5.77 -3.16
CA LEU A 13 5.32 4.52 -3.77
C LEU A 13 6.62 4.07 -3.11
N LYS A 14 7.49 5.03 -2.82
CA LYS A 14 8.75 4.75 -2.14
C LYS A 14 8.48 4.07 -0.82
N PHE A 15 7.60 4.69 -0.06
CA PHE A 15 7.24 4.23 1.27
C PHE A 15 6.66 2.82 1.24
N ILE A 16 5.75 2.57 0.30
CA ILE A 16 5.15 1.23 0.15
C ILE A 16 6.21 0.14 0.05
N MET A 17 7.33 0.47 -0.58
CA MET A 17 8.43 -0.47 -0.72
C MET A 17 9.01 -0.80 0.65
N ALA A 18 8.97 0.17 1.54
CA ALA A 18 9.40 -0.01 2.92
C ALA A 18 8.40 -0.88 3.69
N ASP A 19 7.13 -0.79 3.31
CA ASP A 19 6.06 -1.59 3.94
C ASP A 19 6.35 -3.07 3.78
N THR A 20 6.90 -3.44 2.62
CA THR A 20 7.07 -4.84 2.29
C THR A 20 8.52 -5.20 2.00
N GLY A 21 9.06 -4.59 0.96
CA GLY A 21 10.38 -4.95 0.46
C GLY A 21 10.29 -5.47 -0.96
N PHE A 22 9.24 -5.08 -1.66
CA PHE A 22 9.00 -5.55 -3.02
C PHE A 22 8.91 -4.37 -3.99
N GLY A 23 8.88 -4.68 -5.27
CA GLY A 23 8.76 -3.64 -6.29
C GLY A 23 7.31 -3.26 -6.55
N LYS A 24 7.13 -2.13 -7.23
CA LYS A 24 5.79 -1.58 -7.51
C LYS A 24 4.81 -2.62 -8.06
N THR A 25 5.31 -3.57 -8.85
CA THR A 25 4.45 -4.59 -9.45
C THR A 25 3.66 -5.35 -8.38
N PHE A 26 4.34 -5.79 -7.32
CA PHE A 26 3.71 -6.48 -6.23
C PHE A 26 2.70 -5.57 -5.54
N ILE A 27 3.08 -4.31 -5.38
CA ILE A 27 2.24 -3.32 -4.72
C ILE A 27 0.90 -3.18 -5.41
N TYR A 28 0.92 -2.71 -6.66
CA TYR A 28 -0.30 -2.41 -7.37
C TYR A 28 -1.20 -3.63 -7.47
N ASP A 29 -0.60 -4.80 -7.68
CA ASP A 29 -1.38 -6.04 -7.75
C ASP A 29 -1.97 -6.38 -6.38
N ARG A 30 -1.10 -6.45 -5.38
CA ARG A 30 -1.49 -6.92 -4.07
C ARG A 30 -2.48 -5.97 -3.41
N ILE A 31 -2.28 -4.67 -3.58
CA ILE A 31 -3.16 -3.68 -2.97
C ILE A 31 -4.52 -3.69 -3.64
N LYS A 32 -4.56 -3.93 -4.96
CA LYS A 32 -5.85 -4.13 -5.63
C LYS A 32 -6.58 -5.31 -5.00
N SER A 33 -5.85 -6.41 -4.85
CA SER A 33 -6.41 -7.63 -4.30
C SER A 33 -6.80 -7.46 -2.82
N GLY A 34 -6.14 -6.52 -2.16
CA GLY A 34 -6.42 -6.23 -0.77
C GLY A 34 -7.87 -5.81 -0.57
N ASP A 35 -8.19 -4.60 -1.04
CA ASP A 35 -9.57 -4.12 -0.98
C ASP A 35 -9.80 -3.01 -2.01
N LEU A 36 -9.02 -3.05 -3.09
CA LEU A 36 -9.06 -2.02 -4.13
C LEU A 36 -8.65 -0.66 -3.57
N PRO A 37 -7.45 -0.17 -3.93
CA PRO A 37 -6.86 1.05 -3.37
C PRO A 37 -7.78 2.25 -3.44
N LYS A 38 -7.94 2.92 -2.30
CA LYS A 38 -8.72 4.14 -2.22
C LYS A 38 -7.81 5.33 -2.52
N ALA A 39 -6.50 5.04 -2.58
CA ALA A 39 -5.47 6.00 -2.96
C ALA A 39 -5.87 6.87 -4.15
N LYS A 40 -5.24 8.04 -4.24
CA LYS A 40 -5.58 8.99 -5.27
C LYS A 40 -4.45 9.08 -6.28
N VAL A 41 -4.47 8.17 -7.24
CA VAL A 41 -3.45 8.13 -8.28
C VAL A 41 -3.95 8.88 -9.51
N ILE A 42 -3.18 9.88 -9.94
CA ILE A 42 -3.61 10.73 -11.03
C ILE A 42 -2.67 10.65 -12.25
N HIS A 43 -1.49 10.09 -12.04
CA HIS A 43 -0.53 9.93 -13.14
C HIS A 43 0.45 8.77 -12.87
N GLY A 44 -0.10 7.55 -12.81
CA GLY A 44 0.67 6.37 -12.50
C GLY A 44 1.08 6.30 -11.03
N ARG A 45 1.26 7.45 -10.43
CA ARG A 45 1.50 7.59 -9.01
C ARG A 45 0.97 8.93 -8.56
N ALA A 46 0.93 9.14 -7.25
CA ALA A 46 0.57 10.44 -6.68
C ALA A 46 0.63 10.36 -5.16
N ARG A 47 -0.48 9.98 -4.55
CA ARG A 47 -0.52 9.78 -3.12
C ARG A 47 -1.37 8.57 -2.80
N TRP A 48 -0.78 7.62 -2.09
CA TRP A 48 -1.45 6.37 -1.79
C TRP A 48 -1.97 6.41 -0.37
N LEU A 49 -3.11 5.79 -0.12
CA LEU A 49 -3.69 5.78 1.20
C LEU A 49 -3.12 4.62 2.01
N TYR A 50 -2.73 4.92 3.24
CA TYR A 50 -2.16 3.92 4.12
C TYR A 50 -3.14 2.76 4.35
N ARG A 51 -4.43 3.10 4.41
CA ARG A 51 -5.50 2.12 4.52
C ARG A 51 -5.33 0.98 3.51
N ASP A 52 -4.96 1.33 2.28
CA ASP A 52 -4.79 0.35 1.21
C ASP A 52 -3.72 -0.66 1.56
N HIS A 53 -2.73 -0.20 2.32
CA HIS A 53 -1.67 -1.09 2.78
C HIS A 53 -2.22 -1.99 3.86
N CYS A 54 -3.03 -1.41 4.74
CA CYS A 54 -3.67 -2.17 5.80
C CYS A 54 -4.52 -3.29 5.22
N GLU A 55 -5.33 -2.95 4.22
CA GLU A 55 -6.22 -3.91 3.59
C GLU A 55 -5.44 -5.00 2.89
N PHE A 56 -4.46 -4.61 2.09
CA PHE A 56 -3.66 -5.57 1.35
C PHE A 56 -2.89 -6.49 2.31
N LYS A 57 -2.19 -5.88 3.28
CA LYS A 57 -1.44 -6.62 4.29
C LYS A 57 -2.35 -7.57 5.04
N ASN A 58 -3.57 -7.13 5.23
CA ASN A 58 -4.61 -7.90 5.88
C ASN A 58 -4.82 -9.25 5.19
N LYS A 59 -4.80 -9.23 3.87
CA LYS A 59 -5.01 -10.43 3.10
C LYS A 59 -3.77 -11.32 3.14
N LEU A 60 -2.59 -10.70 3.11
CA LEU A 60 -1.33 -11.43 3.16
C LEU A 60 -1.05 -11.95 4.57
N LEU A 61 -1.67 -11.30 5.56
CA LEU A 61 -1.46 -11.64 6.96
C LEU A 61 -1.87 -13.07 7.22
N SER A 62 -3.12 -13.36 6.93
CA SER A 62 -3.67 -14.70 7.14
C SER A 62 -3.31 -15.62 5.99
N ARG A 63 -3.21 -15.05 4.80
CA ARG A 63 -3.03 -15.82 3.59
C ARG A 63 -1.82 -15.32 2.80
N ALA A 64 -0.67 -15.88 3.12
CA ALA A 64 0.56 -15.56 2.40
C ALA A 64 0.47 -16.03 0.95
N ASN A 65 0.03 -15.14 0.08
CA ASN A 65 -0.14 -15.47 -1.34
C ASN A 65 1.19 -15.70 -2.02
N GLY A 66 2.11 -14.77 -1.86
CA GLY A 66 3.36 -14.81 -2.56
C GLY A 66 3.57 -13.57 -3.39
N MET A 1 12.38 11.49 9.87
CA MET A 1 12.71 10.36 8.98
C MET A 1 11.65 9.27 9.07
N GLN A 2 11.27 8.91 10.29
CA GLN A 2 10.19 7.97 10.49
C GLN A 2 8.87 8.70 10.37
N HIS A 3 7.98 8.20 9.54
CA HIS A 3 6.68 8.82 9.35
C HIS A 3 5.61 8.03 10.07
N GLU A 4 4.88 8.69 10.95
CA GLU A 4 3.75 8.06 11.60
C GLU A 4 2.46 8.54 11.00
N LEU A 5 1.55 7.61 10.77
CA LEU A 5 0.26 7.91 10.19
C LEU A 5 -0.77 6.87 10.61
N GLN A 6 -2.03 7.20 10.38
CA GLN A 6 -3.11 6.26 10.61
C GLN A 6 -3.60 5.74 9.26
N PRO A 7 -4.40 4.65 9.23
CA PRO A 7 -4.96 4.10 7.99
C PRO A 7 -5.38 5.16 6.97
N ASP A 8 -5.91 6.27 7.44
CA ASP A 8 -6.27 7.34 6.52
C ASP A 8 -5.19 8.41 6.53
N SER A 9 -4.37 8.40 5.49
CA SER A 9 -3.23 9.28 5.37
C SER A 9 -2.61 9.12 3.99
N LEU A 10 -1.48 9.77 3.77
CA LEU A 10 -0.86 9.76 2.46
C LEU A 10 0.55 9.15 2.51
N VAL A 11 0.68 7.98 1.89
CA VAL A 11 1.95 7.33 1.71
C VAL A 11 2.41 7.50 0.26
N ASP A 12 3.67 7.23 -0.01
CA ASP A 12 4.18 7.32 -1.38
C ASP A 12 4.86 6.01 -1.77
N LEU A 13 5.15 5.86 -3.07
CA LEU A 13 5.72 4.63 -3.61
C LEU A 13 6.93 4.12 -2.80
N LYS A 14 7.80 5.05 -2.40
CA LYS A 14 8.99 4.71 -1.61
C LYS A 14 8.56 4.05 -0.33
N PHE A 15 7.61 4.69 0.31
CA PHE A 15 7.11 4.26 1.59
C PHE A 15 6.47 2.87 1.51
N ILE A 16 5.71 2.61 0.45
CA ILE A 16 5.18 1.26 0.23
C ILE A 16 6.29 0.23 0.25
N MET A 17 7.40 0.56 -0.41
CA MET A 17 8.57 -0.31 -0.45
C MET A 17 9.16 -0.48 0.95
N ALA A 18 9.00 0.52 1.78
CA ALA A 18 9.44 0.44 3.17
C ALA A 18 8.56 -0.54 3.95
N ASP A 19 7.26 -0.50 3.67
CA ASP A 19 6.30 -1.41 4.31
C ASP A 19 6.58 -2.86 3.94
N THR A 20 7.00 -3.07 2.69
CA THR A 20 7.17 -4.42 2.17
C THR A 20 8.62 -4.75 1.88
N GLY A 21 9.16 -4.12 0.85
CA GLY A 21 10.49 -4.42 0.37
C GLY A 21 10.45 -4.94 -1.04
N PHE A 22 9.39 -4.63 -1.75
CA PHE A 22 9.16 -5.14 -3.10
C PHE A 22 8.93 -4.01 -4.09
N GLY A 23 8.71 -4.37 -5.35
CA GLY A 23 8.56 -3.39 -6.40
C GLY A 23 7.12 -3.16 -6.82
N LYS A 24 6.97 -2.33 -7.86
CA LYS A 24 5.67 -1.88 -8.35
C LYS A 24 4.64 -3.00 -8.48
N THR A 25 4.98 -4.00 -9.28
CA THR A 25 4.03 -5.06 -9.66
C THR A 25 3.42 -5.75 -8.43
N PHE A 26 4.25 -6.02 -7.42
CA PHE A 26 3.79 -6.64 -6.19
C PHE A 26 2.77 -5.73 -5.52
N ILE A 27 3.14 -4.46 -5.39
CA ILE A 27 2.29 -3.49 -4.71
C ILE A 27 0.89 -3.44 -5.34
N TYR A 28 0.85 -3.06 -6.60
CA TYR A 28 -0.42 -2.83 -7.27
C TYR A 28 -1.30 -4.08 -7.23
N ASP A 29 -0.69 -5.25 -7.40
CA ASP A 29 -1.44 -6.52 -7.32
C ASP A 29 -1.98 -6.74 -5.93
N ARG A 30 -1.11 -6.63 -4.93
CA ARG A 30 -1.48 -6.90 -3.54
C ARG A 30 -2.58 -5.95 -3.07
N ILE A 31 -2.35 -4.65 -3.25
CA ILE A 31 -3.24 -3.63 -2.72
C ILE A 31 -4.63 -3.75 -3.35
N LYS A 32 -4.69 -3.94 -4.65
CA LYS A 32 -5.97 -4.14 -5.34
C LYS A 32 -6.67 -5.38 -4.83
N SER A 33 -5.94 -6.50 -4.86
CA SER A 33 -6.49 -7.78 -4.45
C SER A 33 -6.89 -7.75 -2.99
N GLY A 34 -6.22 -6.89 -2.22
CA GLY A 34 -6.62 -6.65 -0.85
C GLY A 34 -7.99 -6.03 -0.78
N ASP A 35 -8.11 -4.81 -1.31
CA ASP A 35 -9.38 -4.10 -1.31
C ASP A 35 -9.24 -2.74 -1.97
N LEU A 36 -9.39 -2.73 -3.30
CA LEU A 36 -9.48 -1.52 -4.15
C LEU A 36 -8.97 -0.26 -3.47
N PRO A 37 -7.72 0.15 -3.79
CA PRO A 37 -7.07 1.28 -3.14
C PRO A 37 -7.89 2.56 -3.17
N LYS A 38 -7.93 3.24 -2.03
CA LYS A 38 -8.63 4.50 -1.89
C LYS A 38 -7.66 5.65 -2.14
N ALA A 39 -6.41 5.28 -2.41
CA ALA A 39 -5.37 6.19 -2.87
C ALA A 39 -5.89 7.17 -3.93
N LYS A 40 -5.27 8.33 -4.01
CA LYS A 40 -5.75 9.37 -4.90
C LYS A 40 -4.88 9.42 -6.15
N VAL A 41 -5.23 8.57 -7.08
CA VAL A 41 -4.49 8.44 -8.32
C VAL A 41 -4.98 9.47 -9.34
N ILE A 42 -4.37 10.64 -9.31
CA ILE A 42 -4.78 11.73 -10.19
C ILE A 42 -3.83 11.81 -11.39
N HIS A 43 -2.66 11.19 -11.26
CA HIS A 43 -1.71 11.17 -12.35
C HIS A 43 -1.01 9.81 -12.43
N GLY A 44 -1.82 8.77 -12.58
CA GLY A 44 -1.31 7.42 -12.75
C GLY A 44 -0.81 6.79 -11.46
N ARG A 45 -0.33 7.62 -10.54
CA ARG A 45 0.16 7.15 -9.24
C ARG A 45 -0.17 8.19 -8.17
N ALA A 46 0.49 9.35 -8.26
CA ALA A 46 0.25 10.48 -7.37
C ALA A 46 0.51 10.14 -5.90
N ARG A 47 -0.52 9.74 -5.18
CA ARG A 47 -0.40 9.49 -3.75
C ARG A 47 -1.21 8.26 -3.35
N TRP A 48 -0.68 7.49 -2.43
CA TRP A 48 -1.32 6.27 -2.01
C TRP A 48 -1.80 6.40 -0.56
N LEU A 49 -2.83 5.66 -0.18
CA LEU A 49 -3.31 5.69 1.18
C LEU A 49 -2.76 4.51 1.97
N TYR A 50 -2.58 4.73 3.27
CA TYR A 50 -2.02 3.72 4.14
C TYR A 50 -3.02 2.60 4.36
N ARG A 51 -4.30 2.96 4.41
CA ARG A 51 -5.38 1.98 4.52
C ARG A 51 -5.26 0.91 3.45
N ASP A 52 -4.86 1.33 2.25
CA ASP A 52 -4.73 0.41 1.12
C ASP A 52 -3.65 -0.61 1.40
N HIS A 53 -2.70 -0.22 2.21
CA HIS A 53 -1.65 -1.14 2.64
C HIS A 53 -2.23 -2.08 3.68
N CYS A 54 -3.10 -1.55 4.53
CA CYS A 54 -3.81 -2.37 5.51
C CYS A 54 -4.66 -3.42 4.80
N GLU A 55 -5.31 -2.99 3.72
CA GLU A 55 -6.18 -3.87 2.94
C GLU A 55 -5.37 -4.98 2.27
N PHE A 56 -4.27 -4.60 1.64
CA PHE A 56 -3.42 -5.58 0.97
C PHE A 56 -2.81 -6.55 1.99
N LYS A 57 -2.28 -6.01 3.09
CA LYS A 57 -1.74 -6.81 4.17
C LYS A 57 -2.79 -7.78 4.70
N ASN A 58 -4.01 -7.28 4.76
CA ASN A 58 -5.16 -8.07 5.16
C ASN A 58 -5.28 -9.35 4.34
N LYS A 59 -5.01 -9.26 3.04
CA LYS A 59 -5.12 -10.39 2.16
C LYS A 59 -3.86 -11.26 2.22
N LEU A 60 -2.70 -10.61 2.29
CA LEU A 60 -1.43 -11.32 2.40
C LEU A 60 -1.31 -12.03 3.74
N LEU A 61 -2.01 -11.52 4.74
CA LEU A 61 -2.00 -12.09 6.08
C LEU A 61 -2.49 -13.53 6.05
N SER A 62 -3.43 -13.82 5.16
CA SER A 62 -3.98 -15.16 5.03
C SER A 62 -2.96 -16.11 4.41
N ARG A 63 -1.93 -15.54 3.78
CA ARG A 63 -0.94 -16.34 3.07
C ARG A 63 0.39 -16.39 3.84
N ALA A 64 0.79 -15.25 4.39
CA ALA A 64 2.08 -15.11 5.06
C ALA A 64 3.22 -15.41 4.08
N ASN A 65 3.76 -14.34 3.48
CA ASN A 65 4.77 -14.47 2.45
C ASN A 65 6.17 -14.55 3.05
N GLY A 66 6.25 -14.41 4.35
CA GLY A 66 7.52 -14.53 5.04
C GLY A 66 7.51 -13.84 6.38
N MET A 1 12.38 11.49 9.87
CA MET A 1 12.71 10.36 8.98
C MET A 1 11.65 9.27 9.07
N GLN A 2 11.27 8.91 10.29
CA GLN A 2 10.19 7.97 10.49
C GLN A 2 8.87 8.70 10.37
N HIS A 3 7.98 8.20 9.54
CA HIS A 3 6.68 8.82 9.35
C HIS A 3 5.61 8.03 10.07
N GLU A 4 4.88 8.69 10.95
CA GLU A 4 3.75 8.06 11.60
C GLU A 4 2.46 8.54 11.00
N LEU A 5 1.55 7.61 10.77
CA LEU A 5 0.26 7.91 10.19
C LEU A 5 -0.77 6.87 10.61
N GLN A 6 -2.03 7.20 10.38
CA GLN A 6 -3.11 6.26 10.61
C GLN A 6 -3.60 5.74 9.26
N PRO A 7 -4.40 4.65 9.23
CA PRO A 7 -4.96 4.10 7.99
C PRO A 7 -5.38 5.16 6.97
N ASP A 8 -5.91 6.27 7.44
CA ASP A 8 -6.27 7.34 6.52
C ASP A 8 -5.19 8.41 6.53
N SER A 9 -4.37 8.40 5.49
CA SER A 9 -3.23 9.28 5.37
C SER A 9 -2.61 9.12 3.99
N LEU A 10 -1.48 9.77 3.77
CA LEU A 10 -0.86 9.76 2.46
C LEU A 10 0.55 9.15 2.51
N VAL A 11 0.68 7.98 1.89
CA VAL A 11 1.95 7.33 1.71
C VAL A 11 2.41 7.50 0.26
N ASP A 12 3.67 7.23 -0.01
CA ASP A 12 4.18 7.32 -1.38
C ASP A 12 4.86 6.01 -1.77
N LEU A 13 5.15 5.86 -3.07
CA LEU A 13 5.72 4.63 -3.61
C LEU A 13 6.93 4.12 -2.80
N LYS A 14 7.80 5.05 -2.40
CA LYS A 14 8.99 4.71 -1.61
C LYS A 14 8.56 4.05 -0.33
N PHE A 15 7.61 4.69 0.31
CA PHE A 15 7.11 4.26 1.59
C PHE A 15 6.47 2.87 1.51
N ILE A 16 5.71 2.61 0.45
CA ILE A 16 5.18 1.26 0.23
C ILE A 16 6.29 0.23 0.25
N MET A 17 7.40 0.56 -0.41
CA MET A 17 8.57 -0.31 -0.45
C MET A 17 9.16 -0.48 0.95
N ALA A 18 9.00 0.52 1.78
CA ALA A 18 9.44 0.44 3.17
C ALA A 18 8.56 -0.54 3.95
N ASP A 19 7.26 -0.50 3.67
CA ASP A 19 6.30 -1.41 4.31
C ASP A 19 6.58 -2.86 3.94
N THR A 20 7.00 -3.07 2.69
CA THR A 20 7.17 -4.42 2.17
C THR A 20 8.62 -4.75 1.88
N GLY A 21 9.16 -4.12 0.85
CA GLY A 21 10.49 -4.42 0.37
C GLY A 21 10.45 -4.94 -1.04
N PHE A 22 9.39 -4.63 -1.75
CA PHE A 22 9.16 -5.14 -3.10
C PHE A 22 8.93 -4.01 -4.09
N GLY A 23 8.71 -4.37 -5.35
CA GLY A 23 8.56 -3.39 -6.40
C GLY A 23 7.12 -3.16 -6.82
N LYS A 24 6.97 -2.33 -7.86
CA LYS A 24 5.67 -1.88 -8.35
C LYS A 24 4.64 -3.00 -8.48
N THR A 25 4.98 -4.00 -9.28
CA THR A 25 4.03 -5.06 -9.66
C THR A 25 3.42 -5.75 -8.43
N PHE A 26 4.25 -6.02 -7.42
CA PHE A 26 3.79 -6.64 -6.19
C PHE A 26 2.77 -5.73 -5.52
N ILE A 27 3.14 -4.46 -5.39
CA ILE A 27 2.29 -3.49 -4.71
C ILE A 27 0.89 -3.44 -5.34
N TYR A 28 0.85 -3.06 -6.60
CA TYR A 28 -0.42 -2.83 -7.27
C TYR A 28 -1.30 -4.08 -7.23
N ASP A 29 -0.69 -5.25 -7.40
CA ASP A 29 -1.44 -6.52 -7.32
C ASP A 29 -1.98 -6.74 -5.93
N ARG A 30 -1.11 -6.63 -4.93
CA ARG A 30 -1.48 -6.90 -3.54
C ARG A 30 -2.58 -5.95 -3.07
N ILE A 31 -2.35 -4.65 -3.25
CA ILE A 31 -3.24 -3.63 -2.72
C ILE A 31 -4.63 -3.75 -3.35
N LYS A 32 -4.69 -3.94 -4.65
CA LYS A 32 -5.97 -4.14 -5.34
C LYS A 32 -6.67 -5.38 -4.83
N SER A 33 -5.94 -6.50 -4.86
CA SER A 33 -6.49 -7.78 -4.45
C SER A 33 -6.89 -7.75 -2.99
N GLY A 34 -6.22 -6.89 -2.22
CA GLY A 34 -6.62 -6.65 -0.85
C GLY A 34 -7.99 -6.03 -0.78
N ASP A 35 -8.11 -4.81 -1.31
CA ASP A 35 -9.38 -4.10 -1.31
C ASP A 35 -9.24 -2.74 -1.97
N LEU A 36 -9.39 -2.73 -3.30
CA LEU A 36 -9.48 -1.52 -4.15
C LEU A 36 -8.97 -0.26 -3.47
N PRO A 37 -7.72 0.15 -3.79
CA PRO A 37 -7.07 1.28 -3.14
C PRO A 37 -7.89 2.56 -3.17
N LYS A 38 -7.93 3.24 -2.03
CA LYS A 38 -8.63 4.50 -1.89
C LYS A 38 -7.66 5.65 -2.14
N ALA A 39 -6.41 5.28 -2.41
CA ALA A 39 -5.37 6.19 -2.87
C ALA A 39 -5.89 7.17 -3.93
N LYS A 40 -5.27 8.33 -4.01
CA LYS A 40 -5.75 9.37 -4.90
C LYS A 40 -4.88 9.42 -6.15
N VAL A 41 -5.23 8.57 -7.08
CA VAL A 41 -4.49 8.44 -8.32
C VAL A 41 -4.98 9.47 -9.34
N ILE A 42 -4.37 10.64 -9.31
CA ILE A 42 -4.78 11.73 -10.19
C ILE A 42 -3.83 11.81 -11.39
N HIS A 43 -2.66 11.19 -11.26
CA HIS A 43 -1.71 11.17 -12.35
C HIS A 43 -1.01 9.81 -12.43
N GLY A 44 -1.82 8.77 -12.58
CA GLY A 44 -1.31 7.42 -12.75
C GLY A 44 -0.81 6.79 -11.46
N ARG A 45 -0.33 7.62 -10.54
CA ARG A 45 0.16 7.15 -9.24
C ARG A 45 -0.17 8.19 -8.17
N ALA A 46 0.49 9.35 -8.26
CA ALA A 46 0.25 10.48 -7.37
C ALA A 46 0.51 10.14 -5.90
N ARG A 47 -0.52 9.74 -5.18
CA ARG A 47 -0.40 9.49 -3.75
C ARG A 47 -1.21 8.26 -3.35
N TRP A 48 -0.68 7.49 -2.43
CA TRP A 48 -1.32 6.27 -2.01
C TRP A 48 -1.80 6.40 -0.56
N LEU A 49 -2.83 5.66 -0.18
CA LEU A 49 -3.31 5.69 1.18
C LEU A 49 -2.76 4.51 1.97
N TYR A 50 -2.58 4.73 3.27
CA TYR A 50 -2.02 3.72 4.14
C TYR A 50 -3.02 2.60 4.36
N ARG A 51 -4.30 2.96 4.41
CA ARG A 51 -5.38 1.98 4.52
C ARG A 51 -5.26 0.91 3.45
N ASP A 52 -4.86 1.33 2.25
CA ASP A 52 -4.73 0.41 1.12
C ASP A 52 -3.65 -0.61 1.40
N HIS A 53 -2.70 -0.22 2.21
CA HIS A 53 -1.65 -1.14 2.64
C HIS A 53 -2.23 -2.08 3.68
N CYS A 54 -3.10 -1.55 4.53
CA CYS A 54 -3.81 -2.37 5.51
C CYS A 54 -4.66 -3.42 4.80
N GLU A 55 -5.31 -2.99 3.72
CA GLU A 55 -6.18 -3.87 2.94
C GLU A 55 -5.37 -4.98 2.27
N PHE A 56 -4.27 -4.60 1.64
CA PHE A 56 -3.42 -5.58 0.97
C PHE A 56 -2.81 -6.55 1.99
N LYS A 57 -2.28 -6.01 3.09
CA LYS A 57 -1.74 -6.81 4.17
C LYS A 57 -2.79 -7.78 4.70
N ASN A 58 -4.01 -7.28 4.76
CA ASN A 58 -5.16 -8.07 5.16
C ASN A 58 -5.28 -9.35 4.34
N LYS A 59 -5.01 -9.26 3.04
CA LYS A 59 -5.12 -10.39 2.16
C LYS A 59 -3.86 -11.26 2.22
N LEU A 60 -2.70 -10.61 2.29
CA LEU A 60 -1.43 -11.32 2.40
C LEU A 60 -1.31 -12.03 3.74
N LEU A 61 -2.01 -11.52 4.74
CA LEU A 61 -2.00 -12.09 6.08
C LEU A 61 -2.49 -13.53 6.05
N SER A 62 -3.43 -13.82 5.16
CA SER A 62 -3.98 -15.16 5.03
C SER A 62 -2.96 -16.11 4.41
N ARG A 63 -1.93 -15.54 3.78
CA ARG A 63 -0.94 -16.34 3.07
C ARG A 63 0.39 -16.39 3.84
N ALA A 64 0.79 -15.25 4.39
CA ALA A 64 2.08 -15.11 5.06
C ALA A 64 3.22 -15.41 4.08
N ASN A 65 3.76 -14.34 3.48
CA ASN A 65 4.77 -14.47 2.45
C ASN A 65 6.17 -14.55 3.05
N GLY A 66 6.25 -14.41 4.35
CA GLY A 66 7.52 -14.53 5.04
C GLY A 66 7.51 -13.84 6.38
N MET A 1 14.16 11.19 12.89
CA MET A 1 13.42 11.77 11.74
C MET A 1 12.49 10.72 11.13
N GLN A 2 11.39 10.47 11.81
CA GLN A 2 10.40 9.53 11.32
C GLN A 2 9.16 10.27 10.82
N HIS A 3 8.55 9.74 9.77
CA HIS A 3 7.37 10.35 9.19
C HIS A 3 6.15 9.55 9.62
N GLU A 4 5.29 10.16 10.42
CA GLU A 4 4.18 9.44 11.03
C GLU A 4 2.87 9.74 10.32
N LEU A 5 2.12 8.68 10.08
CA LEU A 5 0.80 8.79 9.49
C LEU A 5 -0.13 7.75 10.11
N GLN A 6 -1.42 7.91 9.88
CA GLN A 6 -2.42 6.97 10.36
C GLN A 6 -3.19 6.41 9.16
N PRO A 7 -3.97 5.31 9.35
CA PRO A 7 -4.74 4.65 8.29
C PRO A 7 -5.25 5.58 7.18
N ASP A 8 -5.78 6.72 7.53
CA ASP A 8 -6.21 7.66 6.51
C ASP A 8 -5.19 8.76 6.37
N SER A 9 -4.39 8.65 5.32
CA SER A 9 -3.27 9.55 5.07
C SER A 9 -2.62 9.17 3.74
N LEU A 10 -1.67 9.98 3.29
CA LEU A 10 -1.02 9.76 2.01
C LEU A 10 0.38 9.21 2.19
N VAL A 11 0.59 8.00 1.69
CA VAL A 11 1.89 7.36 1.69
C VAL A 11 2.48 7.44 0.29
N ASP A 12 3.77 7.19 0.17
CA ASP A 12 4.43 7.29 -1.12
C ASP A 12 4.94 5.95 -1.63
N LEU A 13 5.29 5.90 -2.90
CA LEU A 13 5.75 4.68 -3.55
C LEU A 13 6.90 4.03 -2.79
N LYS A 14 7.95 4.81 -2.55
CA LYS A 14 9.12 4.32 -1.82
C LYS A 14 8.72 3.86 -0.43
N PHE A 15 7.71 4.52 0.11
CA PHE A 15 7.19 4.18 1.41
C PHE A 15 6.60 2.77 1.40
N ILE A 16 5.75 2.49 0.41
CA ILE A 16 5.21 1.14 0.21
C ILE A 16 6.35 0.11 0.10
N MET A 17 7.43 0.51 -0.56
CA MET A 17 8.61 -0.34 -0.68
C MET A 17 9.24 -0.59 0.69
N ALA A 18 9.30 0.46 1.51
CA ALA A 18 9.79 0.35 2.87
C ALA A 18 8.80 -0.45 3.73
N ASP A 19 7.54 -0.40 3.35
CA ASP A 19 6.47 -1.09 4.05
C ASP A 19 6.70 -2.60 4.01
N THR A 20 7.01 -3.12 2.83
CA THR A 20 7.21 -4.55 2.65
C THR A 20 8.63 -4.88 2.21
N GLY A 21 9.02 -4.32 1.07
CA GLY A 21 10.34 -4.59 0.53
C GLY A 21 10.26 -5.09 -0.90
N PHE A 22 9.16 -4.78 -1.58
CA PHE A 22 8.94 -5.28 -2.93
C PHE A 22 8.78 -4.13 -3.93
N GLY A 23 8.66 -4.48 -5.20
CA GLY A 23 8.54 -3.48 -6.26
C GLY A 23 7.11 -3.11 -6.57
N LYS A 24 6.96 -2.03 -7.34
CA LYS A 24 5.64 -1.48 -7.70
C LYS A 24 4.65 -2.53 -8.20
N THR A 25 5.12 -3.48 -9.03
CA THR A 25 4.24 -4.52 -9.58
C THR A 25 3.53 -5.30 -8.48
N PHE A 26 4.28 -5.64 -7.43
CA PHE A 26 3.74 -6.32 -6.27
C PHE A 26 2.67 -5.46 -5.63
N ILE A 27 2.99 -4.19 -5.47
CA ILE A 27 2.10 -3.24 -4.80
C ILE A 27 0.76 -3.15 -5.49
N TYR A 28 0.77 -2.69 -6.73
CA TYR A 28 -0.46 -2.41 -7.45
C TYR A 28 -1.34 -3.66 -7.54
N ASP A 29 -0.74 -4.82 -7.75
CA ASP A 29 -1.50 -6.07 -7.84
C ASP A 29 -2.07 -6.48 -6.49
N ARG A 30 -1.19 -6.58 -5.50
CA ARG A 30 -1.55 -7.06 -4.17
C ARG A 30 -2.56 -6.14 -3.50
N ILE A 31 -2.32 -4.83 -3.59
CA ILE A 31 -3.21 -3.86 -2.96
C ILE A 31 -4.59 -3.87 -3.63
N LYS A 32 -4.60 -3.81 -4.97
CA LYS A 32 -5.86 -3.77 -5.72
C LYS A 32 -6.71 -4.99 -5.46
N SER A 33 -6.08 -6.16 -5.43
CA SER A 33 -6.78 -7.40 -5.23
C SER A 33 -7.26 -7.54 -3.79
N GLY A 34 -6.61 -6.82 -2.87
CA GLY A 34 -6.98 -6.90 -1.47
C GLY A 34 -8.33 -6.26 -1.20
N ASP A 35 -8.38 -4.94 -1.29
CA ASP A 35 -9.63 -4.21 -1.11
C ASP A 35 -9.54 -2.85 -1.78
N LEU A 36 -9.51 -2.89 -3.12
CA LEU A 36 -9.67 -1.72 -4.01
C LEU A 36 -9.21 -0.41 -3.37
N PRO A 37 -7.94 -0.01 -3.63
CA PRO A 37 -7.31 1.15 -2.99
C PRO A 37 -8.11 2.44 -3.13
N LYS A 38 -8.13 3.23 -2.06
CA LYS A 38 -8.77 4.53 -2.05
C LYS A 38 -7.73 5.61 -2.33
N ALA A 39 -6.48 5.16 -2.52
CA ALA A 39 -5.37 6.02 -2.91
C ALA A 39 -5.74 6.98 -4.02
N LYS A 40 -5.00 8.08 -4.11
CA LYS A 40 -5.30 9.10 -5.11
C LYS A 40 -4.26 9.03 -6.20
N VAL A 41 -4.48 8.12 -7.12
CA VAL A 41 -3.57 7.90 -8.22
C VAL A 41 -4.30 8.19 -9.53
N ILE A 42 -4.34 9.46 -9.92
CA ILE A 42 -5.14 9.87 -11.06
C ILE A 42 -4.26 10.09 -12.29
N HIS A 43 -2.96 10.12 -12.08
CA HIS A 43 -2.04 10.32 -13.20
C HIS A 43 -1.31 9.02 -13.53
N GLY A 44 -1.84 7.91 -13.05
CA GLY A 44 -1.17 6.62 -13.18
C GLY A 44 -0.18 6.40 -12.06
N ARG A 45 0.34 7.50 -11.53
CA ARG A 45 1.20 7.48 -10.35
C ARG A 45 0.93 8.74 -9.53
N ALA A 46 0.93 8.60 -8.20
CA ALA A 46 0.77 9.76 -7.31
C ALA A 46 1.07 9.38 -5.87
N ARG A 47 0.02 9.17 -5.06
CA ARG A 47 0.20 8.80 -3.67
C ARG A 47 -0.85 7.79 -3.27
N TRP A 48 -0.50 6.95 -2.31
CA TRP A 48 -1.35 5.84 -1.91
C TRP A 48 -1.90 6.11 -0.51
N LEU A 49 -3.06 5.55 -0.21
CA LEU A 49 -3.61 5.67 1.12
C LEU A 49 -3.11 4.54 2.00
N TYR A 50 -2.92 4.84 3.27
CA TYR A 50 -2.37 3.88 4.21
C TYR A 50 -3.37 2.75 4.47
N ARG A 51 -4.66 3.11 4.51
CA ARG A 51 -5.74 2.14 4.68
C ARG A 51 -5.63 0.98 3.69
N ASP A 52 -5.26 1.30 2.44
CA ASP A 52 -5.15 0.28 1.41
C ASP A 52 -4.02 -0.69 1.73
N HIS A 53 -3.03 -0.18 2.44
CA HIS A 53 -1.91 -1.00 2.86
C HIS A 53 -2.38 -1.97 3.93
N CYS A 54 -3.26 -1.50 4.79
CA CYS A 54 -3.81 -2.34 5.85
C CYS A 54 -4.45 -3.59 5.26
N GLU A 55 -5.19 -3.41 4.17
CA GLU A 55 -5.87 -4.51 3.52
C GLU A 55 -4.87 -5.48 2.89
N PHE A 56 -3.91 -4.93 2.16
CA PHE A 56 -2.93 -5.76 1.48
C PHE A 56 -2.03 -6.49 2.48
N LYS A 57 -1.59 -5.78 3.52
CA LYS A 57 -0.84 -6.38 4.61
C LYS A 57 -1.65 -7.49 5.26
N ASN A 58 -2.94 -7.24 5.36
CA ASN A 58 -3.89 -8.18 5.93
C ASN A 58 -3.86 -9.52 5.19
N LYS A 59 -3.79 -9.45 3.87
CA LYS A 59 -3.69 -10.66 3.03
C LYS A 59 -2.41 -11.42 3.35
N LEU A 60 -1.32 -10.68 3.35
CA LEU A 60 0.01 -11.25 3.52
C LEU A 60 0.25 -11.66 4.97
N LEU A 61 -0.53 -11.10 5.87
CA LEU A 61 -0.43 -11.43 7.29
C LEU A 61 -1.14 -12.76 7.58
N SER A 62 -2.24 -12.99 6.88
CA SER A 62 -3.05 -14.17 7.11
C SER A 62 -2.56 -15.36 6.28
N ARG A 63 -2.40 -15.15 4.98
CA ARG A 63 -2.07 -16.25 4.08
C ARG A 63 -0.62 -16.19 3.58
N ALA A 64 0.09 -15.11 3.92
CA ALA A 64 1.52 -14.98 3.58
C ALA A 64 1.80 -15.30 2.12
N ASN A 65 1.40 -14.39 1.24
CA ASN A 65 1.56 -14.58 -0.21
C ASN A 65 2.88 -14.00 -0.67
N GLY A 66 3.03 -13.82 -1.98
CA GLY A 66 4.23 -13.20 -2.51
C GLY A 66 5.01 -14.13 -3.40
N MET A 1 10.98 4.91 8.11
CA MET A 1 11.76 6.05 8.60
C MET A 1 10.99 6.76 9.73
N GLN A 2 11.64 7.71 10.40
CA GLN A 2 11.08 8.36 11.59
C GLN A 2 9.99 9.39 11.26
N HIS A 3 9.00 8.97 10.48
CA HIS A 3 7.81 9.75 10.21
C HIS A 3 6.62 8.81 10.13
N GLU A 4 5.54 9.17 10.80
CA GLU A 4 4.44 8.24 11.01
C GLU A 4 3.18 8.68 10.29
N LEU A 5 2.30 7.73 10.04
CA LEU A 5 1.00 8.01 9.44
C LEU A 5 -0.09 7.16 10.06
N GLN A 6 -1.33 7.57 9.85
CA GLN A 6 -2.48 6.85 10.37
C GLN A 6 -3.19 6.13 9.22
N PRO A 7 -4.10 5.19 9.51
CA PRO A 7 -4.86 4.46 8.49
C PRO A 7 -5.28 5.34 7.31
N ASP A 8 -5.77 6.53 7.60
CA ASP A 8 -6.07 7.48 6.54
C ASP A 8 -4.97 8.53 6.47
N SER A 9 -4.06 8.35 5.52
CA SER A 9 -2.93 9.22 5.32
C SER A 9 -2.35 8.98 3.94
N LEU A 10 -1.34 9.77 3.58
CA LEU A 10 -0.74 9.68 2.27
C LEU A 10 0.61 8.96 2.33
N VAL A 11 0.65 7.80 1.71
CA VAL A 11 1.87 7.01 1.58
C VAL A 11 2.41 7.15 0.16
N ASP A 12 3.73 7.14 0.02
CA ASP A 12 4.33 7.31 -1.30
C ASP A 12 5.03 6.04 -1.73
N LEU A 13 5.40 5.97 -3.01
CA LEU A 13 5.99 4.77 -3.59
C LEU A 13 7.19 4.26 -2.79
N LYS A 14 8.09 5.16 -2.40
CA LYS A 14 9.29 4.76 -1.66
C LYS A 14 8.87 4.09 -0.37
N PHE A 15 7.89 4.72 0.27
CA PHE A 15 7.34 4.24 1.51
C PHE A 15 6.78 2.83 1.32
N ILE A 16 5.88 2.67 0.35
CA ILE A 16 5.28 1.37 0.08
C ILE A 16 6.33 0.29 -0.13
N MET A 17 7.41 0.63 -0.82
CA MET A 17 8.47 -0.34 -1.09
C MET A 17 9.07 -0.86 0.20
N ALA A 18 9.14 0.00 1.21
CA ALA A 18 9.57 -0.41 2.55
C ALA A 18 8.49 -1.24 3.23
N ASP A 19 7.26 -0.76 3.12
CA ASP A 19 6.08 -1.39 3.74
C ASP A 19 5.78 -2.76 3.12
N THR A 20 6.19 -2.95 1.87
CA THR A 20 5.98 -4.20 1.17
C THR A 20 7.23 -5.07 1.20
N GLY A 21 8.35 -4.46 0.82
CA GLY A 21 9.60 -5.20 0.72
C GLY A 21 9.82 -5.72 -0.68
N PHE A 22 8.98 -5.27 -1.62
CA PHE A 22 9.00 -5.79 -2.98
C PHE A 22 8.97 -4.67 -4.01
N GLY A 23 8.88 -5.06 -5.28
CA GLY A 23 8.87 -4.10 -6.36
C GLY A 23 7.50 -3.50 -6.62
N LYS A 24 7.48 -2.41 -7.36
CA LYS A 24 6.26 -1.66 -7.68
C LYS A 24 5.13 -2.56 -8.19
N THR A 25 5.46 -3.51 -9.06
CA THR A 25 4.44 -4.38 -9.67
C THR A 25 3.67 -5.15 -8.60
N PHE A 26 4.38 -5.66 -7.60
CA PHE A 26 3.77 -6.42 -6.52
C PHE A 26 2.78 -5.54 -5.77
N ILE A 27 3.19 -4.31 -5.52
CA ILE A 27 2.38 -3.37 -4.75
C ILE A 27 1.02 -3.15 -5.41
N TYR A 28 1.03 -2.65 -6.63
CA TYR A 28 -0.20 -2.29 -7.31
C TYR A 28 -1.14 -3.50 -7.41
N ASP A 29 -0.59 -4.66 -7.72
CA ASP A 29 -1.39 -5.89 -7.79
C ASP A 29 -1.91 -6.28 -6.41
N ARG A 30 -1.00 -6.34 -5.45
CA ARG A 30 -1.32 -6.82 -4.11
C ARG A 30 -2.31 -5.90 -3.41
N ILE A 31 -2.15 -4.60 -3.59
CA ILE A 31 -3.00 -3.61 -2.91
C ILE A 31 -4.39 -3.58 -3.54
N LYS A 32 -4.46 -3.67 -4.88
CA LYS A 32 -5.77 -3.80 -5.52
C LYS A 32 -6.48 -5.02 -4.99
N SER A 33 -5.73 -6.10 -4.85
CA SER A 33 -6.24 -7.36 -4.34
C SER A 33 -6.39 -7.30 -2.82
N GLY A 34 -5.94 -6.20 -2.22
CA GLY A 34 -6.11 -6.02 -0.79
C GLY A 34 -7.55 -5.74 -0.46
N ASP A 35 -8.06 -4.65 -1.00
CA ASP A 35 -9.48 -4.30 -0.86
C ASP A 35 -9.84 -3.16 -1.82
N LEU A 36 -9.13 -3.10 -2.94
CA LEU A 36 -9.28 -2.02 -3.92
C LEU A 36 -8.84 -0.69 -3.31
N PRO A 37 -7.78 -0.08 -3.86
CA PRO A 37 -7.20 1.15 -3.31
C PRO A 37 -8.16 2.34 -3.34
N LYS A 38 -8.24 3.04 -2.21
CA LYS A 38 -8.96 4.30 -2.13
C LYS A 38 -7.99 5.44 -2.37
N ALA A 39 -6.70 5.07 -2.49
CA ALA A 39 -5.63 6.00 -2.89
C ALA A 39 -6.05 6.91 -4.02
N LYS A 40 -5.44 8.08 -4.10
CA LYS A 40 -5.82 9.03 -5.10
C LYS A 40 -4.79 9.03 -6.21
N VAL A 41 -4.92 8.06 -7.09
CA VAL A 41 -4.09 7.96 -8.26
C VAL A 41 -4.80 8.60 -9.44
N ILE A 42 -4.69 9.92 -9.50
CA ILE A 42 -5.36 10.70 -10.51
C ILE A 42 -4.38 11.10 -11.61
N HIS A 43 -3.10 11.07 -11.28
CA HIS A 43 -2.06 11.39 -12.23
C HIS A 43 -1.07 10.23 -12.37
N GLY A 44 -1.61 9.04 -12.57
CA GLY A 44 -0.80 7.85 -12.76
C GLY A 44 -0.19 7.30 -11.47
N ARG A 45 0.08 8.18 -10.51
CA ARG A 45 0.61 7.76 -9.20
C ARG A 45 0.03 8.66 -8.10
N ALA A 46 0.51 9.89 -8.05
CA ALA A 46 0.07 10.89 -7.06
C ALA A 46 0.30 10.44 -5.61
N ARG A 47 -0.74 9.93 -4.95
CA ARG A 47 -0.63 9.56 -3.54
C ARG A 47 -1.42 8.29 -3.24
N TRP A 48 -0.96 7.54 -2.26
CA TRP A 48 -1.61 6.31 -1.86
C TRP A 48 -2.19 6.44 -0.46
N LEU A 49 -3.35 5.85 -0.21
CA LEU A 49 -3.94 5.84 1.11
C LEU A 49 -3.45 4.61 1.87
N TYR A 50 -3.06 4.81 3.13
CA TYR A 50 -2.49 3.73 3.93
C TYR A 50 -3.53 2.66 4.25
N ARG A 51 -4.80 3.05 4.28
CA ARG A 51 -5.89 2.09 4.46
C ARG A 51 -5.76 0.91 3.50
N ASP A 52 -5.43 1.20 2.25
CA ASP A 52 -5.24 0.19 1.23
C ASP A 52 -4.10 -0.72 1.61
N HIS A 53 -3.08 -0.13 2.22
CA HIS A 53 -1.95 -0.89 2.73
C HIS A 53 -2.42 -1.81 3.83
N CYS A 54 -3.22 -1.27 4.73
CA CYS A 54 -3.74 -2.03 5.86
C CYS A 54 -4.50 -3.26 5.37
N GLU A 55 -5.33 -3.07 4.34
CA GLU A 55 -6.12 -4.16 3.80
C GLU A 55 -5.23 -5.17 3.08
N PHE A 56 -4.27 -4.68 2.29
CA PHE A 56 -3.34 -5.58 1.62
C PHE A 56 -2.47 -6.33 2.64
N LYS A 57 -1.85 -5.60 3.56
CA LYS A 57 -1.04 -6.19 4.61
C LYS A 57 -1.85 -7.20 5.39
N ASN A 58 -3.14 -6.96 5.45
CA ASN A 58 -4.07 -7.81 6.19
C ASN A 58 -4.12 -9.23 5.61
N LYS A 59 -4.23 -9.36 4.29
CA LYS A 59 -4.39 -10.68 3.70
C LYS A 59 -3.03 -11.34 3.50
N LEU A 60 -1.98 -10.54 3.54
CA LEU A 60 -0.62 -11.08 3.58
C LEU A 60 -0.26 -11.49 5.00
N LEU A 61 -0.86 -10.80 5.97
CA LEU A 61 -0.59 -11.03 7.39
C LEU A 61 -1.02 -12.43 7.79
N SER A 62 -2.17 -12.86 7.29
CA SER A 62 -2.68 -14.19 7.60
C SER A 62 -1.90 -15.26 6.83
N ARG A 63 -1.06 -14.84 5.91
CA ARG A 63 -0.24 -15.76 5.15
C ARG A 63 1.16 -15.86 5.74
N ALA A 64 2.02 -14.89 5.41
CA ALA A 64 3.40 -14.87 5.88
C ALA A 64 4.10 -13.57 5.53
N ASN A 65 3.36 -12.47 5.45
CA ASN A 65 3.95 -11.20 5.08
C ASN A 65 3.35 -10.06 5.91
N GLY A 66 4.04 -9.73 7.00
CA GLY A 66 3.61 -8.63 7.84
C GLY A 66 4.78 -7.99 8.54
N MET A 1 12.53 6.33 7.58
CA MET A 1 11.26 6.10 8.30
C MET A 1 11.14 7.05 9.48
N GLN A 2 11.10 8.34 9.17
CA GLN A 2 11.12 9.37 10.21
C GLN A 2 9.71 9.84 10.53
N HIS A 3 8.78 9.53 9.63
CA HIS A 3 7.39 9.91 9.81
C HIS A 3 6.49 8.68 9.87
N GLU A 4 5.62 8.63 10.87
CA GLU A 4 4.63 7.58 10.95
C GLU A 4 3.27 8.14 10.56
N LEU A 5 2.31 7.26 10.32
CA LEU A 5 0.99 7.68 9.89
C LEU A 5 -0.10 6.78 10.45
N GLN A 6 -1.33 7.25 10.31
CA GLN A 6 -2.50 6.48 10.70
C GLN A 6 -3.15 5.90 9.45
N PRO A 7 -4.08 4.93 9.59
CA PRO A 7 -4.78 4.31 8.46
C PRO A 7 -5.13 5.31 7.34
N ASP A 8 -5.58 6.50 7.70
CA ASP A 8 -5.87 7.49 6.68
C ASP A 8 -4.74 8.51 6.63
N SER A 9 -3.91 8.39 5.60
CA SER A 9 -2.75 9.24 5.41
C SER A 9 -2.12 8.94 4.06
N LEU A 10 -1.11 9.71 3.69
CA LEU A 10 -0.53 9.62 2.35
C LEU A 10 0.83 8.91 2.37
N VAL A 11 0.89 7.78 1.70
CA VAL A 11 2.13 7.05 1.49
C VAL A 11 2.54 7.20 0.02
N ASP A 12 3.78 6.86 -0.29
CA ASP A 12 4.25 6.91 -1.67
C ASP A 12 4.91 5.59 -2.04
N LEU A 13 5.16 5.40 -3.33
CA LEU A 13 5.76 4.15 -3.83
C LEU A 13 6.97 3.72 -3.03
N LYS A 14 7.90 4.64 -2.83
CA LYS A 14 9.14 4.35 -2.10
C LYS A 14 8.81 3.95 -0.66
N PHE A 15 7.78 4.59 -0.13
CA PHE A 15 7.28 4.26 1.20
C PHE A 15 6.72 2.85 1.23
N ILE A 16 5.88 2.51 0.25
CA ILE A 16 5.34 1.16 0.13
C ILE A 16 6.47 0.12 0.09
N MET A 17 7.58 0.49 -0.54
CA MET A 17 8.77 -0.37 -0.56
C MET A 17 9.30 -0.57 0.86
N ALA A 18 9.26 0.49 1.65
CA ALA A 18 9.64 0.42 3.06
C ALA A 18 8.61 -0.38 3.86
N ASP A 19 7.35 -0.29 3.42
CA ASP A 19 6.23 -0.98 4.05
C ASP A 19 6.46 -2.49 4.02
N THR A 20 6.81 -3.01 2.85
CA THR A 20 7.03 -4.43 2.69
C THR A 20 8.49 -4.74 2.35
N GLY A 21 8.91 -4.29 1.18
CA GLY A 21 10.26 -4.54 0.72
C GLY A 21 10.30 -5.02 -0.73
N PHE A 22 9.22 -4.77 -1.45
CA PHE A 22 9.09 -5.29 -2.81
C PHE A 22 8.94 -4.15 -3.81
N GLY A 23 8.74 -4.49 -5.08
CA GLY A 23 8.67 -3.50 -6.13
C GLY A 23 7.25 -3.11 -6.49
N LYS A 24 7.13 -2.07 -7.32
CA LYS A 24 5.85 -1.50 -7.76
C LYS A 24 4.85 -2.58 -8.17
N THR A 25 5.30 -3.51 -9.00
CA THR A 25 4.43 -4.55 -9.55
C THR A 25 3.71 -5.33 -8.43
N PHE A 26 4.46 -5.67 -7.38
CA PHE A 26 3.90 -6.36 -6.24
C PHE A 26 2.82 -5.52 -5.59
N ILE A 27 3.12 -4.23 -5.44
CA ILE A 27 2.23 -3.30 -4.78
C ILE A 27 0.88 -3.22 -5.47
N TYR A 28 0.88 -2.76 -6.72
CA TYR A 28 -0.35 -2.53 -7.45
C TYR A 28 -1.17 -3.81 -7.54
N ASP A 29 -0.49 -4.94 -7.73
CA ASP A 29 -1.18 -6.24 -7.78
C ASP A 29 -1.79 -6.60 -6.42
N ARG A 30 -0.94 -6.61 -5.39
CA ARG A 30 -1.33 -7.04 -4.06
C ARG A 30 -2.40 -6.14 -3.46
N ILE A 31 -2.21 -4.83 -3.61
CA ILE A 31 -3.11 -3.85 -3.01
C ILE A 31 -4.48 -3.87 -3.69
N LYS A 32 -4.51 -3.80 -5.02
CA LYS A 32 -5.77 -3.82 -5.76
C LYS A 32 -6.57 -5.09 -5.48
N SER A 33 -5.87 -6.21 -5.44
CA SER A 33 -6.48 -7.50 -5.20
C SER A 33 -7.00 -7.60 -3.77
N GLY A 34 -6.44 -6.79 -2.88
CA GLY A 34 -6.85 -6.82 -1.48
C GLY A 34 -8.23 -6.22 -1.29
N ASP A 35 -8.31 -4.91 -1.39
CA ASP A 35 -9.57 -4.21 -1.18
C ASP A 35 -9.54 -2.82 -1.80
N LEU A 36 -9.64 -2.79 -3.14
CA LEU A 36 -9.84 -1.57 -3.95
C LEU A 36 -9.29 -0.30 -3.29
N PRO A 37 -8.04 0.07 -3.60
CA PRO A 37 -7.38 1.23 -3.00
C PRO A 37 -8.18 2.52 -3.15
N LYS A 38 -8.31 3.23 -2.03
CA LYS A 38 -9.00 4.51 -2.00
C LYS A 38 -8.01 5.63 -2.28
N ALA A 39 -6.73 5.25 -2.38
CA ALA A 39 -5.67 6.15 -2.81
C ALA A 39 -6.06 6.93 -4.05
N LYS A 40 -5.53 8.12 -4.19
CA LYS A 40 -5.86 8.95 -5.32
C LYS A 40 -4.72 8.91 -6.31
N VAL A 41 -4.71 7.86 -7.12
CA VAL A 41 -3.62 7.64 -8.06
C VAL A 41 -4.02 8.13 -9.43
N ILE A 42 -3.90 9.42 -9.66
CA ILE A 42 -4.20 10.01 -10.94
C ILE A 42 -2.91 10.41 -11.66
N HIS A 43 -1.88 10.67 -10.88
CA HIS A 43 -0.60 11.12 -11.41
C HIS A 43 0.37 9.94 -11.48
N GLY A 44 -0.14 8.77 -11.86
CA GLY A 44 0.68 7.57 -11.95
C GLY A 44 0.98 6.96 -10.59
N ARG A 45 1.04 7.82 -9.58
CA ARG A 45 1.11 7.37 -8.20
C ARG A 45 0.39 8.39 -7.31
N ALA A 46 0.70 9.68 -7.55
CA ALA A 46 0.15 10.79 -6.78
C ALA A 46 0.34 10.58 -5.27
N ARG A 47 -0.67 10.05 -4.60
CA ARG A 47 -0.53 9.68 -3.20
C ARG A 47 -1.36 8.44 -2.92
N TRP A 48 -0.76 7.49 -2.23
CA TRP A 48 -1.45 6.26 -1.91
C TRP A 48 -1.92 6.31 -0.46
N LEU A 49 -3.10 5.79 -0.19
CA LEU A 49 -3.63 5.83 1.15
C LEU A 49 -3.23 4.60 1.92
N TYR A 50 -2.91 4.80 3.20
CA TYR A 50 -2.42 3.72 4.03
C TYR A 50 -3.51 2.70 4.31
N ARG A 51 -4.77 3.15 4.30
CA ARG A 51 -5.92 2.28 4.48
C ARG A 51 -5.87 1.11 3.50
N ASP A 52 -5.42 1.38 2.29
CA ASP A 52 -5.33 0.35 1.26
C ASP A 52 -4.24 -0.63 1.60
N HIS A 53 -3.24 -0.14 2.32
CA HIS A 53 -2.15 -0.97 2.76
C HIS A 53 -2.62 -1.89 3.87
N CYS A 54 -3.50 -1.36 4.72
CA CYS A 54 -4.06 -2.13 5.81
C CYS A 54 -4.74 -3.39 5.25
N GLU A 55 -5.40 -3.22 4.11
CA GLU A 55 -6.07 -4.34 3.44
C GLU A 55 -5.05 -5.35 2.92
N PHE A 56 -4.09 -4.87 2.15
CA PHE A 56 -3.11 -5.75 1.55
C PHE A 56 -2.28 -6.46 2.63
N LYS A 57 -1.78 -5.68 3.58
CA LYS A 57 -1.04 -6.23 4.72
C LYS A 57 -1.88 -7.24 5.47
N ASN A 58 -3.18 -7.00 5.50
CA ASN A 58 -4.12 -7.84 6.22
C ASN A 58 -3.99 -9.30 5.79
N LYS A 59 -3.91 -9.52 4.49
CA LYS A 59 -3.92 -10.88 3.98
C LYS A 59 -2.52 -11.48 4.01
N LEU A 60 -1.53 -10.64 3.72
CA LEU A 60 -0.13 -11.06 3.80
C LEU A 60 0.28 -11.39 5.24
N LEU A 61 -0.16 -10.57 6.18
CA LEU A 61 0.16 -10.75 7.60
C LEU A 61 -0.48 -12.04 8.12
N SER A 62 -1.66 -12.33 7.62
CA SER A 62 -2.38 -13.55 7.99
C SER A 62 -1.82 -14.75 7.25
N ARG A 63 -0.91 -14.48 6.31
CA ARG A 63 -0.30 -15.47 5.47
C ARG A 63 -1.32 -16.38 4.81
N ALA A 64 -2.44 -15.78 4.41
CA ALA A 64 -3.50 -16.52 3.74
C ALA A 64 -3.40 -16.32 2.24
N ASN A 65 -2.18 -16.25 1.75
CA ASN A 65 -1.91 -15.97 0.35
C ASN A 65 -1.87 -17.26 -0.44
N GLY A 66 -3.04 -17.86 -0.64
CA GLY A 66 -3.13 -19.08 -1.40
C GLY A 66 -3.06 -18.82 -2.89
N MET A 1 12.59 12.72 10.59
CA MET A 1 12.86 11.71 9.55
C MET A 1 11.68 10.75 9.44
N GLN A 2 11.18 10.30 10.58
CA GLN A 2 10.06 9.38 10.62
C GLN A 2 8.81 10.00 10.01
N HIS A 3 8.10 9.22 9.22
CA HIS A 3 6.84 9.65 8.68
C HIS A 3 5.72 8.97 9.45
N GLU A 4 5.06 9.71 10.32
CA GLU A 4 4.12 9.14 11.25
C GLU A 4 2.70 9.36 10.76
N LEU A 5 2.12 8.30 10.22
CA LEU A 5 0.77 8.34 9.68
C LEU A 5 -0.10 7.25 10.31
N GLN A 6 -1.39 7.37 10.10
CA GLN A 6 -2.36 6.39 10.59
C GLN A 6 -3.20 5.90 9.41
N PRO A 7 -3.97 4.78 9.59
CA PRO A 7 -4.80 4.16 8.54
C PRO A 7 -5.27 5.11 7.43
N ASP A 8 -5.84 6.24 7.79
CA ASP A 8 -6.25 7.20 6.79
C ASP A 8 -5.22 8.31 6.71
N SER A 9 -4.38 8.24 5.67
CA SER A 9 -3.29 9.18 5.48
C SER A 9 -2.60 8.84 4.16
N LEU A 10 -1.71 9.72 3.71
CA LEU A 10 -1.11 9.57 2.39
C LEU A 10 0.32 9.05 2.49
N VAL A 11 0.55 7.95 1.81
CA VAL A 11 1.85 7.32 1.71
C VAL A 11 2.46 7.59 0.33
N ASP A 12 3.74 7.32 0.20
CA ASP A 12 4.44 7.54 -1.06
C ASP A 12 4.86 6.21 -1.68
N LEU A 13 5.20 6.21 -2.96
CA LEU A 13 5.61 5.00 -3.66
C LEU A 13 6.77 4.30 -2.96
N LYS A 14 7.82 5.06 -2.66
CA LYS A 14 9.00 4.51 -2.00
C LYS A 14 8.62 4.02 -0.63
N PHE A 15 7.65 4.69 -0.03
CA PHE A 15 7.12 4.31 1.26
C PHE A 15 6.45 2.95 1.18
N ILE A 16 5.59 2.76 0.17
CA ILE A 16 4.99 1.45 -0.07
C ILE A 16 6.05 0.37 -0.14
N MET A 17 7.14 0.68 -0.85
CA MET A 17 8.25 -0.25 -0.99
C MET A 17 8.86 -0.58 0.37
N ALA A 18 8.81 0.38 1.28
CA ALA A 18 9.25 0.18 2.66
C ALA A 18 8.27 -0.72 3.40
N ASP A 19 6.97 -0.45 3.21
CA ASP A 19 5.90 -1.24 3.84
C ASP A 19 5.89 -2.67 3.34
N THR A 20 6.31 -2.85 2.09
CA THR A 20 6.18 -4.14 1.44
C THR A 20 7.50 -4.91 1.45
N GLY A 21 8.57 -4.25 1.07
CA GLY A 21 9.84 -4.91 0.89
C GLY A 21 9.95 -5.49 -0.49
N PHE A 22 9.02 -5.10 -1.36
CA PHE A 22 8.94 -5.65 -2.72
C PHE A 22 8.90 -4.53 -3.76
N GLY A 23 8.73 -4.91 -5.02
CA GLY A 23 8.70 -3.95 -6.09
C GLY A 23 7.30 -3.51 -6.46
N LYS A 24 7.23 -2.52 -7.34
CA LYS A 24 5.96 -1.93 -7.80
C LYS A 24 4.92 -2.99 -8.20
N THR A 25 5.36 -4.02 -8.92
CA THR A 25 4.44 -5.04 -9.43
C THR A 25 3.64 -5.69 -8.30
N PHE A 26 4.33 -6.08 -7.24
CA PHE A 26 3.69 -6.69 -6.08
C PHE A 26 2.69 -5.72 -5.48
N ILE A 27 3.09 -4.46 -5.39
CA ILE A 27 2.26 -3.43 -4.78
C ILE A 27 0.92 -3.30 -5.50
N TYR A 28 0.96 -2.89 -6.75
CA TYR A 28 -0.25 -2.59 -7.50
C TYR A 28 -1.18 -3.80 -7.56
N ASP A 29 -0.61 -4.99 -7.73
CA ASP A 29 -1.41 -6.20 -7.78
C ASP A 29 -1.99 -6.54 -6.42
N ARG A 30 -1.12 -6.63 -5.41
CA ARG A 30 -1.54 -7.05 -4.08
C ARG A 30 -2.50 -6.05 -3.43
N ILE A 31 -2.23 -4.76 -3.61
CA ILE A 31 -3.09 -3.73 -3.02
C ILE A 31 -4.47 -3.74 -3.70
N LYS A 32 -4.50 -3.95 -5.02
CA LYS A 32 -5.78 -4.17 -5.70
C LYS A 32 -6.50 -5.37 -5.10
N SER A 33 -5.75 -6.45 -4.91
CA SER A 33 -6.28 -7.68 -4.36
C SER A 33 -6.76 -7.49 -2.92
N GLY A 34 -6.14 -6.57 -2.21
CA GLY A 34 -6.52 -6.29 -0.84
C GLY A 34 -7.96 -5.85 -0.71
N ASP A 35 -8.24 -4.63 -1.15
CA ASP A 35 -9.61 -4.10 -1.09
C ASP A 35 -9.77 -2.93 -2.04
N LEU A 36 -8.92 -2.89 -3.06
CA LEU A 36 -8.89 -1.80 -4.03
C LEU A 36 -8.43 -0.49 -3.38
N PRO A 37 -7.40 0.16 -3.95
CA PRO A 37 -6.83 1.39 -3.38
C PRO A 37 -7.84 2.53 -3.27
N LYS A 38 -7.93 3.11 -2.09
CA LYS A 38 -8.75 4.29 -1.88
C LYS A 38 -7.91 5.54 -2.15
N ALA A 39 -6.61 5.29 -2.38
CA ALA A 39 -5.63 6.31 -2.77
C ALA A 39 -6.16 7.35 -3.74
N LYS A 40 -5.49 8.48 -3.80
CA LYS A 40 -5.95 9.60 -4.61
C LYS A 40 -5.13 9.65 -5.88
N VAL A 41 -5.54 8.84 -6.83
CA VAL A 41 -4.83 8.68 -8.08
C VAL A 41 -5.42 9.57 -9.16
N ILE A 42 -4.77 10.68 -9.44
CA ILE A 42 -5.28 11.62 -10.43
C ILE A 42 -4.44 11.58 -11.70
N HIS A 43 -3.21 11.09 -11.59
CA HIS A 43 -2.32 11.01 -12.74
C HIS A 43 -1.63 9.65 -12.80
N GLY A 44 -2.42 8.59 -12.69
CA GLY A 44 -1.87 7.24 -12.79
C GLY A 44 -1.23 6.77 -11.49
N ARG A 45 -0.75 7.72 -10.69
CA ARG A 45 -0.10 7.42 -9.43
C ARG A 45 -0.50 8.42 -8.36
N ALA A 46 0.08 9.61 -8.44
CA ALA A 46 -0.12 10.66 -7.44
C ALA A 46 0.29 10.21 -6.03
N ARG A 47 -0.69 9.88 -5.19
CA ARG A 47 -0.40 9.53 -3.80
C ARG A 47 -1.30 8.39 -3.35
N TRP A 48 -0.79 7.55 -2.48
CA TRP A 48 -1.49 6.36 -2.06
C TRP A 48 -1.96 6.51 -0.61
N LEU A 49 -2.98 5.77 -0.22
CA LEU A 49 -3.45 5.78 1.15
C LEU A 49 -2.82 4.64 1.94
N TYR A 50 -2.55 4.89 3.22
CA TYR A 50 -1.96 3.87 4.07
C TYR A 50 -2.93 2.70 4.26
N ARG A 51 -4.21 3.03 4.42
CA ARG A 51 -5.27 2.01 4.53
C ARG A 51 -5.16 0.95 3.44
N ASP A 52 -4.81 1.37 2.23
CA ASP A 52 -4.65 0.46 1.11
C ASP A 52 -3.58 -0.57 1.41
N HIS A 53 -2.60 -0.15 2.20
CA HIS A 53 -1.55 -1.06 2.64
C HIS A 53 -2.08 -1.93 3.74
N CYS A 54 -2.92 -1.35 4.59
CA CYS A 54 -3.58 -2.11 5.65
C CYS A 54 -4.41 -3.23 5.04
N GLU A 55 -5.17 -2.92 4.00
CA GLU A 55 -6.03 -3.90 3.36
C GLU A 55 -5.22 -4.99 2.67
N PHE A 56 -4.16 -4.62 1.96
CA PHE A 56 -3.35 -5.62 1.27
C PHE A 56 -2.70 -6.56 2.28
N LYS A 57 -2.10 -5.97 3.31
CA LYS A 57 -1.52 -6.74 4.40
C LYS A 57 -2.56 -7.59 5.07
N ASN A 58 -3.77 -7.08 5.12
CA ASN A 58 -4.91 -7.75 5.72
C ASN A 58 -5.21 -9.07 5.02
N LYS A 59 -5.14 -9.09 3.70
CA LYS A 59 -5.37 -10.29 2.94
C LYS A 59 -4.16 -11.24 3.11
N LEU A 60 -2.97 -10.64 3.15
CA LEU A 60 -1.75 -11.38 3.40
C LEU A 60 -1.70 -11.90 4.83
N LEU A 61 -2.54 -11.33 5.66
CA LEU A 61 -2.61 -11.70 7.07
C LEU A 61 -3.48 -12.94 7.26
N SER A 62 -4.64 -12.94 6.62
CA SER A 62 -5.58 -14.04 6.77
C SER A 62 -5.11 -15.27 6.00
N ARG A 63 -4.75 -15.07 4.73
CA ARG A 63 -4.29 -16.17 3.89
C ARG A 63 -2.83 -16.49 4.17
N ALA A 64 -2.10 -15.52 4.73
CA ALA A 64 -0.70 -15.71 5.13
C ALA A 64 0.11 -16.41 4.04
N ASN A 65 0.28 -15.72 2.92
CA ASN A 65 1.02 -16.26 1.79
C ASN A 65 2.32 -15.50 1.57
N GLY A 66 3.27 -15.73 2.47
CA GLY A 66 4.56 -15.10 2.39
C GLY A 66 5.66 -16.04 2.78
N MET A 1 11.97 13.46 8.34
CA MET A 1 12.88 12.29 8.41
C MET A 1 12.09 11.01 8.66
N GLN A 2 10.93 11.14 9.31
CA GLN A 2 10.09 10.00 9.62
C GLN A 2 8.63 10.43 9.66
N HIS A 3 7.77 9.61 9.06
CA HIS A 3 6.35 9.91 9.00
C HIS A 3 5.55 8.74 9.55
N GLU A 4 4.96 8.94 10.71
CA GLU A 4 4.12 7.93 11.32
C GLU A 4 2.67 8.33 11.14
N LEU A 5 1.92 7.48 10.45
CA LEU A 5 0.55 7.83 10.07
C LEU A 5 -0.42 6.70 10.38
N GLN A 6 -1.69 7.06 10.35
CA GLN A 6 -2.78 6.15 10.60
C GLN A 6 -3.46 5.80 9.28
N PRO A 7 -4.31 4.76 9.24
CA PRO A 7 -5.00 4.28 8.03
C PRO A 7 -5.36 5.38 7.03
N ASP A 8 -5.79 6.54 7.51
CA ASP A 8 -6.12 7.62 6.60
C ASP A 8 -4.99 8.65 6.58
N SER A 9 -4.21 8.60 5.50
CA SER A 9 -3.10 9.51 5.28
C SER A 9 -2.42 9.13 3.98
N LEU A 10 -1.43 9.91 3.56
CA LEU A 10 -0.81 9.72 2.27
C LEU A 10 0.56 9.07 2.40
N VAL A 11 0.67 7.87 1.85
CA VAL A 11 1.94 7.18 1.76
C VAL A 11 2.43 7.23 0.32
N ASP A 12 3.69 6.91 0.11
CA ASP A 12 4.29 7.03 -1.22
C ASP A 12 4.70 5.68 -1.76
N LEU A 13 4.95 5.61 -3.07
CA LEU A 13 5.37 4.36 -3.72
C LEU A 13 6.62 3.81 -3.06
N LYS A 14 7.62 4.68 -2.91
CA LYS A 14 8.88 4.31 -2.28
C LYS A 14 8.61 3.90 -0.85
N PHE A 15 7.64 4.58 -0.25
CA PHE A 15 7.23 4.29 1.11
C PHE A 15 6.64 2.88 1.20
N ILE A 16 5.80 2.51 0.23
CA ILE A 16 5.26 1.15 0.15
C ILE A 16 6.38 0.12 0.14
N MET A 17 7.48 0.46 -0.54
CA MET A 17 8.66 -0.40 -0.55
C MET A 17 9.25 -0.51 0.86
N ALA A 18 9.25 0.60 1.59
CA ALA A 18 9.67 0.61 2.99
C ALA A 18 8.66 -0.12 3.86
N ASP A 19 7.40 -0.10 3.43
CA ASP A 19 6.29 -0.74 4.14
C ASP A 19 6.50 -2.25 4.20
N THR A 20 7.01 -2.81 3.11
CA THR A 20 7.28 -4.24 3.04
C THR A 20 8.71 -4.52 2.61
N GLY A 21 8.94 -4.33 1.32
CA GLY A 21 10.25 -4.56 0.75
C GLY A 21 10.17 -5.10 -0.66
N PHE A 22 9.08 -4.79 -1.36
CA PHE A 22 8.85 -5.31 -2.69
C PHE A 22 8.77 -4.17 -3.70
N GLY A 23 8.62 -4.52 -4.97
CA GLY A 23 8.58 -3.52 -6.02
C GLY A 23 7.17 -3.17 -6.46
N LYS A 24 7.05 -2.06 -7.18
CA LYS A 24 5.78 -1.53 -7.68
C LYS A 24 4.83 -2.60 -8.24
N THR A 25 5.35 -3.53 -9.03
CA THR A 25 4.51 -4.55 -9.65
C THR A 25 3.74 -5.35 -8.59
N PHE A 26 4.43 -5.75 -7.52
CA PHE A 26 3.80 -6.45 -6.42
C PHE A 26 2.75 -5.56 -5.77
N ILE A 27 3.12 -4.30 -5.57
CA ILE A 27 2.26 -3.35 -4.89
C ILE A 27 0.91 -3.24 -5.57
N TYR A 28 0.92 -2.78 -6.81
CA TYR A 28 -0.32 -2.53 -7.52
C TYR A 28 -1.18 -3.79 -7.59
N ASP A 29 -0.58 -4.93 -7.86
CA ASP A 29 -1.33 -6.18 -7.92
C ASP A 29 -1.89 -6.56 -6.55
N ARG A 30 -1.04 -6.54 -5.55
CA ARG A 30 -1.41 -6.98 -4.21
C ARG A 30 -2.46 -6.06 -3.58
N ILE A 31 -2.25 -4.75 -3.71
CA ILE A 31 -3.12 -3.78 -3.06
C ILE A 31 -4.50 -3.74 -3.72
N LYS A 32 -4.55 -3.86 -5.04
CA LYS A 32 -5.83 -3.97 -5.74
C LYS A 32 -6.59 -5.17 -5.22
N SER A 33 -5.87 -6.27 -5.07
CA SER A 33 -6.41 -7.51 -4.55
C SER A 33 -6.92 -7.34 -3.12
N GLY A 34 -6.31 -6.40 -2.39
CA GLY A 34 -6.71 -6.12 -1.03
C GLY A 34 -8.14 -5.70 -0.94
N ASP A 35 -8.42 -4.45 -1.33
CA ASP A 35 -9.80 -3.95 -1.34
C ASP A 35 -9.90 -2.56 -1.96
N LEU A 36 -9.72 -2.50 -3.28
CA LEU A 36 -9.93 -1.28 -4.07
C LEU A 36 -9.23 -0.07 -3.47
N PRO A 37 -7.98 0.19 -3.87
CA PRO A 37 -7.17 1.28 -3.35
C PRO A 37 -7.93 2.61 -3.26
N LYS A 38 -8.03 3.14 -2.04
CA LYS A 38 -8.69 4.42 -1.83
C LYS A 38 -7.72 5.54 -2.12
N ALA A 39 -6.46 5.15 -2.38
CA ALA A 39 -5.43 6.05 -2.87
C ALA A 39 -5.93 6.95 -3.99
N LYS A 40 -5.31 8.10 -4.15
CA LYS A 40 -5.75 9.05 -5.15
C LYS A 40 -4.76 9.07 -6.30
N VAL A 41 -4.94 8.14 -7.22
CA VAL A 41 -4.07 7.99 -8.36
C VAL A 41 -4.66 8.70 -9.57
N ILE A 42 -4.21 9.92 -9.81
CA ILE A 42 -4.73 10.72 -10.90
C ILE A 42 -3.74 10.77 -12.06
N HIS A 43 -2.47 10.54 -11.75
CA HIS A 43 -1.41 10.66 -12.73
C HIS A 43 -0.80 9.29 -13.03
N GLY A 44 -1.63 8.25 -12.95
CA GLY A 44 -1.16 6.88 -13.12
C GLY A 44 -0.32 6.40 -11.94
N ARG A 45 0.37 7.33 -11.32
CA ARG A 45 1.11 7.13 -10.09
C ARG A 45 1.06 8.43 -9.31
N ALA A 46 0.57 8.42 -8.08
CA ALA A 46 0.45 9.66 -7.32
C ALA A 46 0.72 9.45 -5.84
N ARG A 47 -0.34 9.28 -5.06
CA ARG A 47 -0.22 9.11 -3.62
C ARG A 47 -1.14 8.00 -3.16
N TRP A 48 -0.64 7.15 -2.28
CA TRP A 48 -1.39 5.98 -1.85
C TRP A 48 -1.89 6.19 -0.43
N LEU A 49 -2.97 5.50 -0.08
CA LEU A 49 -3.50 5.58 1.26
C LEU A 49 -3.00 4.42 2.10
N TYR A 50 -2.81 4.71 3.37
CA TYR A 50 -2.30 3.73 4.32
C TYR A 50 -3.31 2.61 4.52
N ARG A 51 -4.59 2.97 4.56
CA ARG A 51 -5.68 2.01 4.69
C ARG A 51 -5.58 0.90 3.62
N ASP A 52 -5.21 1.28 2.39
CA ASP A 52 -5.05 0.30 1.31
C ASP A 52 -3.96 -0.68 1.66
N HIS A 53 -2.91 -0.18 2.31
CA HIS A 53 -1.83 -1.03 2.78
C HIS A 53 -2.36 -1.94 3.87
N CYS A 54 -3.22 -1.40 4.71
CA CYS A 54 -3.81 -2.15 5.81
C CYS A 54 -4.50 -3.39 5.27
N GLU A 55 -5.23 -3.22 4.17
CA GLU A 55 -5.94 -4.34 3.55
C GLU A 55 -4.96 -5.36 3.00
N PHE A 56 -3.99 -4.89 2.23
CA PHE A 56 -3.06 -5.79 1.57
C PHE A 56 -2.17 -6.53 2.58
N LYS A 57 -1.63 -5.80 3.55
CA LYS A 57 -0.87 -6.40 4.64
C LYS A 57 -1.73 -7.40 5.40
N ASN A 58 -2.99 -7.05 5.53
CA ASN A 58 -3.97 -7.85 6.24
C ASN A 58 -4.09 -9.24 5.64
N LYS A 59 -4.35 -9.27 4.34
CA LYS A 59 -4.59 -10.53 3.65
C LYS A 59 -3.29 -11.35 3.55
N LEU A 60 -2.16 -10.65 3.46
CA LEU A 60 -0.86 -11.31 3.39
C LEU A 60 -0.43 -11.85 4.75
N LEU A 61 -0.94 -11.23 5.80
CA LEU A 61 -0.65 -11.65 7.17
C LEU A 61 -1.11 -13.09 7.37
N SER A 62 -2.39 -13.29 7.15
CA SER A 62 -3.02 -14.59 7.33
C SER A 62 -2.71 -15.54 6.18
N ARG A 63 -2.62 -15.00 4.96
CA ARG A 63 -2.56 -15.82 3.77
C ARG A 63 -1.44 -15.34 2.86
N ALA A 64 -0.40 -16.14 2.77
CA ALA A 64 0.70 -15.86 1.85
C ALA A 64 0.25 -16.06 0.39
N ASN A 65 -0.62 -15.18 -0.07
CA ASN A 65 -1.23 -15.29 -1.39
C ASN A 65 -0.39 -14.60 -2.46
N GLY A 66 0.77 -14.10 -2.06
CA GLY A 66 1.61 -13.38 -2.99
C GLY A 66 2.81 -12.79 -2.30
N MET A 1 10.19 5.11 12.71
CA MET A 1 10.76 5.38 11.37
C MET A 1 10.50 6.83 10.97
N GLN A 2 10.82 7.15 9.71
CA GLN A 2 10.72 8.52 9.19
C GLN A 2 9.34 9.15 9.43
N HIS A 3 8.28 8.42 9.14
CA HIS A 3 6.94 8.96 9.25
C HIS A 3 5.99 7.96 9.90
N GLU A 4 5.24 8.42 10.89
CA GLU A 4 4.23 7.60 11.54
C GLU A 4 2.85 8.05 11.06
N LEU A 5 1.96 7.11 10.81
CA LEU A 5 0.65 7.43 10.29
C LEU A 5 -0.42 6.45 10.75
N GLN A 6 -1.67 6.86 10.56
CA GLN A 6 -2.82 6.06 10.91
C GLN A 6 -3.44 5.49 9.62
N PRO A 7 -4.35 4.49 9.74
CA PRO A 7 -5.04 3.88 8.60
C PRO A 7 -5.32 4.84 7.44
N ASP A 8 -5.89 6.00 7.73
CA ASP A 8 -6.15 6.95 6.67
C ASP A 8 -5.09 8.05 6.69
N SER A 9 -4.17 7.95 5.75
CA SER A 9 -3.03 8.84 5.67
C SER A 9 -2.38 8.70 4.30
N LEU A 10 -1.43 9.57 3.99
CA LEU A 10 -0.84 9.62 2.65
C LEU A 10 0.54 8.99 2.62
N VAL A 11 0.63 7.82 2.02
CA VAL A 11 1.90 7.17 1.73
C VAL A 11 2.24 7.33 0.26
N ASP A 12 3.48 7.06 -0.08
CA ASP A 12 3.95 7.17 -1.47
C ASP A 12 4.39 5.83 -2.00
N LEU A 13 4.56 5.70 -3.30
CA LEU A 13 5.05 4.47 -3.91
C LEU A 13 6.37 4.03 -3.28
N LYS A 14 7.26 5.00 -3.10
CA LYS A 14 8.54 4.76 -2.46
C LYS A 14 8.32 4.27 -1.04
N PHE A 15 7.30 4.83 -0.41
CA PHE A 15 6.92 4.44 0.94
C PHE A 15 6.46 2.98 0.97
N ILE A 16 5.62 2.59 0.02
CA ILE A 16 5.17 1.21 -0.09
C ILE A 16 6.34 0.24 -0.13
N MET A 17 7.38 0.63 -0.88
CA MET A 17 8.61 -0.15 -0.95
C MET A 17 9.25 -0.27 0.42
N ALA A 18 9.17 0.81 1.20
CA ALA A 18 9.65 0.81 2.58
C ALA A 18 8.74 -0.02 3.49
N ASP A 19 7.46 -0.04 3.15
CA ASP A 19 6.43 -0.71 3.94
C ASP A 19 6.73 -2.20 4.04
N THR A 20 7.07 -2.80 2.91
CA THR A 20 7.36 -4.22 2.85
C THR A 20 8.81 -4.50 2.47
N GLY A 21 9.21 -3.96 1.33
CA GLY A 21 10.55 -4.18 0.84
C GLY A 21 10.56 -4.89 -0.49
N PHE A 22 9.45 -4.81 -1.22
CA PHE A 22 9.29 -5.57 -2.46
C PHE A 22 9.16 -4.64 -3.67
N GLY A 23 8.95 -5.24 -4.84
CA GLY A 23 8.88 -4.49 -6.07
C GLY A 23 7.48 -3.97 -6.37
N LYS A 24 7.41 -2.90 -7.17
CA LYS A 24 6.16 -2.26 -7.55
C LYS A 24 5.11 -3.25 -8.07
N THR A 25 5.56 -4.28 -8.80
CA THR A 25 4.63 -5.25 -9.37
C THR A 25 3.82 -5.94 -8.26
N PHE A 26 4.50 -6.30 -7.18
CA PHE A 26 3.88 -6.91 -6.03
C PHE A 26 2.84 -5.97 -5.44
N ILE A 27 3.20 -4.70 -5.36
CA ILE A 27 2.35 -3.68 -4.77
C ILE A 27 1.02 -3.58 -5.50
N TYR A 28 1.08 -3.18 -6.76
CA TYR A 28 -0.13 -2.87 -7.50
C TYR A 28 -1.04 -4.08 -7.63
N ASP A 29 -0.46 -5.27 -7.75
CA ASP A 29 -1.25 -6.50 -7.76
C ASP A 29 -1.94 -6.69 -6.41
N ARG A 30 -1.13 -6.66 -5.37
CA ARG A 30 -1.60 -6.96 -4.03
C ARG A 30 -2.62 -5.94 -3.54
N ILE A 31 -2.31 -4.66 -3.72
CA ILE A 31 -3.12 -3.58 -3.17
C ILE A 31 -4.42 -3.41 -3.95
N LYS A 32 -4.37 -3.50 -5.28
CA LYS A 32 -5.58 -3.37 -6.11
C LYS A 32 -6.62 -4.42 -5.73
N SER A 33 -6.15 -5.63 -5.47
CA SER A 33 -7.02 -6.71 -5.04
C SER A 33 -7.30 -6.63 -3.54
N GLY A 34 -6.57 -5.74 -2.86
CA GLY A 34 -6.67 -5.65 -1.42
C GLY A 34 -7.95 -5.02 -0.95
N ASP A 35 -8.14 -3.75 -1.26
CA ASP A 35 -9.29 -3.01 -0.74
C ASP A 35 -9.84 -2.00 -1.74
N LEU A 36 -9.43 -2.17 -2.99
CA LEU A 36 -9.76 -1.20 -4.05
C LEU A 36 -9.26 0.20 -3.66
N PRO A 37 -7.98 0.47 -3.94
CA PRO A 37 -7.26 1.64 -3.42
C PRO A 37 -8.06 2.94 -3.39
N LYS A 38 -8.22 3.48 -2.19
CA LYS A 38 -8.88 4.77 -1.99
C LYS A 38 -7.85 5.88 -2.13
N ALA A 39 -6.61 5.46 -2.35
CA ALA A 39 -5.51 6.35 -2.71
C ALA A 39 -5.92 7.35 -3.77
N LYS A 40 -5.22 8.47 -3.83
CA LYS A 40 -5.56 9.48 -4.80
C LYS A 40 -4.59 9.37 -5.94
N VAL A 41 -4.86 8.39 -6.79
CA VAL A 41 -4.06 8.11 -7.93
C VAL A 41 -4.88 8.25 -9.21
N ILE A 42 -4.74 9.39 -9.86
CA ILE A 42 -5.42 9.61 -11.13
C ILE A 42 -4.48 10.26 -12.14
N HIS A 43 -3.36 10.78 -11.64
CA HIS A 43 -2.40 11.45 -12.51
C HIS A 43 -1.20 10.55 -12.81
N GLY A 44 -1.37 9.24 -12.67
CA GLY A 44 -0.28 8.35 -13.00
C GLY A 44 0.53 7.93 -11.80
N ARG A 45 -0.16 7.44 -10.77
CA ARG A 45 0.47 6.94 -9.54
C ARG A 45 1.07 8.10 -8.73
N ALA A 46 0.27 8.63 -7.80
CA ALA A 46 0.66 9.81 -7.05
C ALA A 46 0.71 9.56 -5.55
N ARG A 47 -0.44 9.60 -4.88
CA ARG A 47 -0.49 9.44 -3.44
C ARG A 47 -1.35 8.25 -3.07
N TRP A 48 -0.90 7.47 -2.11
CA TRP A 48 -1.61 6.27 -1.73
C TRP A 48 -2.10 6.36 -0.30
N LEU A 49 -3.26 5.77 -0.03
CA LEU A 49 -3.79 5.71 1.30
C LEU A 49 -3.27 4.48 2.02
N TYR A 50 -2.94 4.66 3.29
CA TYR A 50 -2.40 3.59 4.10
C TYR A 50 -3.44 2.50 4.32
N ARG A 51 -4.72 2.87 4.30
CA ARG A 51 -5.81 1.92 4.42
C ARG A 51 -5.68 0.79 3.37
N ASP A 52 -5.33 1.19 2.14
CA ASP A 52 -5.10 0.22 1.07
C ASP A 52 -3.98 -0.73 1.45
N HIS A 53 -3.02 -0.18 2.18
CA HIS A 53 -1.91 -0.96 2.69
C HIS A 53 -2.39 -1.89 3.80
N CYS A 54 -3.30 -1.39 4.62
CA CYS A 54 -3.83 -2.18 5.73
C CYS A 54 -4.37 -3.51 5.23
N GLU A 55 -5.19 -3.44 4.18
CA GLU A 55 -5.78 -4.65 3.62
C GLU A 55 -4.75 -5.53 2.93
N PHE A 56 -3.83 -4.93 2.18
CA PHE A 56 -2.82 -5.75 1.50
C PHE A 56 -1.92 -6.44 2.53
N LYS A 57 -1.51 -5.71 3.55
CA LYS A 57 -0.77 -6.28 4.67
C LYS A 57 -1.60 -7.37 5.35
N ASN A 58 -2.91 -7.22 5.25
CA ASN A 58 -3.87 -8.12 5.89
C ASN A 58 -3.99 -9.44 5.14
N LYS A 59 -4.27 -9.35 3.85
CA LYS A 59 -4.42 -10.53 3.01
C LYS A 59 -3.14 -11.36 3.04
N LEU A 60 -2.01 -10.69 3.09
CA LEU A 60 -0.73 -11.36 3.19
C LEU A 60 -0.49 -11.94 4.58
N LEU A 61 -1.13 -11.36 5.57
CA LEU A 61 -1.00 -11.83 6.95
C LEU A 61 -1.94 -13.01 7.21
N SER A 62 -3.14 -12.92 6.65
CA SER A 62 -4.17 -13.94 6.87
C SER A 62 -4.10 -15.07 5.84
N ARG A 63 -4.09 -14.71 4.56
CA ARG A 63 -4.06 -15.71 3.50
C ARG A 63 -2.62 -16.04 3.11
N ALA A 64 -1.77 -15.01 3.10
CA ALA A 64 -0.38 -15.13 2.69
C ALA A 64 -0.26 -15.40 1.19
N ASN A 65 0.33 -14.46 0.48
CA ASN A 65 0.53 -14.59 -0.97
C ASN A 65 2.00 -14.78 -1.26
N GLY A 66 2.32 -15.45 -2.35
CA GLY A 66 3.69 -15.67 -2.72
C GLY A 66 3.83 -16.75 -3.78
N MET A 1 12.77 12.01 9.63
CA MET A 1 13.06 10.93 8.65
C MET A 1 11.82 10.08 8.39
N GLN A 2 11.18 9.62 9.45
CA GLN A 2 10.02 8.76 9.31
C GLN A 2 8.73 9.58 9.27
N HIS A 3 7.85 9.24 8.35
CA HIS A 3 6.56 9.91 8.24
C HIS A 3 5.48 9.02 8.82
N GLU A 4 4.92 9.44 9.94
CA GLU A 4 3.94 8.64 10.65
C GLU A 4 2.54 9.16 10.40
N LEU A 5 1.58 8.25 10.40
CA LEU A 5 0.23 8.58 9.97
C LEU A 5 -0.79 7.57 10.50
N GLN A 6 -2.06 7.92 10.37
CA GLN A 6 -3.16 7.04 10.73
C GLN A 6 -3.77 6.43 9.47
N PRO A 7 -4.60 5.36 9.61
CA PRO A 7 -5.26 4.65 8.50
C PRO A 7 -5.60 5.51 7.28
N ASP A 8 -6.19 6.67 7.48
CA ASP A 8 -6.51 7.55 6.37
C ASP A 8 -5.49 8.67 6.29
N SER A 9 -4.59 8.55 5.32
CA SER A 9 -3.50 9.50 5.12
C SER A 9 -2.76 9.12 3.85
N LEU A 10 -1.73 9.88 3.49
CA LEU A 10 -1.05 9.71 2.23
C LEU A 10 0.35 9.12 2.42
N VAL A 11 0.54 7.94 1.87
CA VAL A 11 1.84 7.27 1.84
C VAL A 11 2.45 7.37 0.45
N ASP A 12 3.73 7.07 0.33
CA ASP A 12 4.41 7.14 -0.95
C ASP A 12 4.71 5.73 -1.46
N LEU A 13 5.03 5.61 -2.74
CA LEU A 13 5.36 4.33 -3.34
C LEU A 13 6.67 3.79 -2.77
N LYS A 14 7.62 4.69 -2.58
CA LYS A 14 8.91 4.35 -2.00
C LYS A 14 8.70 3.85 -0.58
N PHE A 15 7.68 4.40 0.06
CA PHE A 15 7.26 4.00 1.38
C PHE A 15 6.79 2.55 1.39
N ILE A 16 5.89 2.23 0.45
CA ILE A 16 5.39 0.86 0.29
C ILE A 16 6.56 -0.12 0.18
N MET A 17 7.53 0.23 -0.64
CA MET A 17 8.70 -0.60 -0.84
C MET A 17 9.48 -0.77 0.46
N ALA A 18 9.38 0.23 1.33
CA ALA A 18 10.03 0.17 2.63
C ALA A 18 9.32 -0.82 3.56
N ASP A 19 8.00 -0.72 3.65
CA ASP A 19 7.24 -1.56 4.58
C ASP A 19 7.23 -3.02 4.14
N THR A 20 7.41 -3.26 2.85
CA THR A 20 7.48 -4.63 2.34
C THR A 20 8.90 -5.00 1.92
N GLY A 21 9.30 -4.50 0.76
CA GLY A 21 10.61 -4.81 0.22
C GLY A 21 10.55 -5.23 -1.23
N PHE A 22 9.43 -4.92 -1.90
CA PHE A 22 9.22 -5.34 -3.27
C PHE A 22 8.95 -4.14 -4.17
N GLY A 23 8.78 -4.41 -5.46
CA GLY A 23 8.59 -3.34 -6.42
C GLY A 23 7.14 -3.04 -6.72
N LYS A 24 6.94 -1.96 -7.47
CA LYS A 24 5.62 -1.44 -7.86
C LYS A 24 4.65 -2.53 -8.29
N THR A 25 5.12 -3.42 -9.16
CA THR A 25 4.27 -4.48 -9.70
C THR A 25 3.63 -5.32 -8.58
N PHE A 26 4.43 -5.70 -7.59
CA PHE A 26 3.95 -6.44 -6.43
C PHE A 26 2.90 -5.61 -5.71
N ILE A 27 3.20 -4.34 -5.52
CA ILE A 27 2.34 -3.42 -4.79
C ILE A 27 0.95 -3.35 -5.41
N TYR A 28 0.89 -2.92 -6.66
CA TYR A 28 -0.38 -2.70 -7.32
C TYR A 28 -1.22 -3.97 -7.32
N ASP A 29 -0.57 -5.12 -7.50
CA ASP A 29 -1.26 -6.41 -7.45
C ASP A 29 -1.81 -6.68 -6.06
N ARG A 30 -0.96 -6.54 -5.05
CA ARG A 30 -1.33 -6.84 -3.67
C ARG A 30 -2.43 -5.91 -3.19
N ILE A 31 -2.25 -4.62 -3.40
CA ILE A 31 -3.13 -3.63 -2.81
C ILE A 31 -4.53 -3.66 -3.44
N LYS A 32 -4.62 -3.89 -4.75
CA LYS A 32 -5.92 -3.99 -5.39
C LYS A 32 -6.72 -5.16 -4.83
N SER A 33 -6.08 -6.32 -4.71
CA SER A 33 -6.70 -7.49 -4.13
C SER A 33 -6.99 -7.27 -2.65
N GLY A 34 -6.24 -6.35 -2.05
CA GLY A 34 -6.50 -5.98 -0.66
C GLY A 34 -7.87 -5.38 -0.49
N ASP A 35 -8.09 -4.22 -1.10
CA ASP A 35 -9.40 -3.56 -1.07
C ASP A 35 -9.38 -2.32 -1.94
N LEU A 36 -9.38 -2.55 -3.26
CA LEU A 36 -9.53 -1.50 -4.30
C LEU A 36 -9.07 -0.14 -3.82
N PRO A 37 -7.78 0.18 -4.06
CA PRO A 37 -7.11 1.33 -3.47
C PRO A 37 -7.95 2.61 -3.45
N LYS A 38 -8.09 3.16 -2.26
CA LYS A 38 -8.74 4.45 -2.09
C LYS A 38 -7.72 5.55 -2.33
N ALA A 39 -6.47 5.12 -2.49
CA ALA A 39 -5.38 5.99 -2.90
C ALA A 39 -5.78 6.88 -4.06
N LYS A 40 -5.14 8.03 -4.16
CA LYS A 40 -5.49 8.98 -5.19
C LYS A 40 -4.46 8.89 -6.29
N VAL A 41 -4.66 7.91 -7.16
CA VAL A 41 -3.77 7.68 -8.27
C VAL A 41 -4.38 8.20 -9.57
N ILE A 42 -3.86 9.31 -10.05
CA ILE A 42 -4.40 9.95 -11.24
C ILE A 42 -3.45 9.78 -12.43
N HIS A 43 -2.17 9.71 -12.15
CA HIS A 43 -1.17 9.69 -13.20
C HIS A 43 -0.28 8.45 -13.07
N GLY A 44 -0.93 7.28 -12.97
CA GLY A 44 -0.23 6.02 -12.78
C GLY A 44 0.33 5.88 -11.38
N ARG A 45 0.69 7.00 -10.80
CA ARG A 45 1.07 7.09 -9.40
C ARG A 45 0.74 8.50 -8.92
N ALA A 46 0.75 8.71 -7.62
CA ALA A 46 0.55 10.05 -7.05
C ALA A 46 0.68 9.99 -5.54
N ARG A 47 -0.42 9.64 -4.88
CA ARG A 47 -0.41 9.46 -3.43
C ARG A 47 -1.25 8.27 -3.06
N TRP A 48 -0.71 7.40 -2.24
CA TRP A 48 -1.39 6.18 -1.88
C TRP A 48 -1.95 6.32 -0.48
N LEU A 49 -3.08 5.68 -0.21
CA LEU A 49 -3.67 5.73 1.11
C LEU A 49 -3.20 4.56 1.96
N TYR A 50 -3.05 4.82 3.25
CA TYR A 50 -2.52 3.84 4.17
C TYR A 50 -3.51 2.69 4.38
N ARG A 51 -4.80 3.02 4.40
CA ARG A 51 -5.86 2.03 4.51
C ARG A 51 -5.69 0.88 3.51
N ASP A 52 -5.33 1.23 2.28
CA ASP A 52 -5.15 0.24 1.22
C ASP A 52 -4.00 -0.70 1.58
N HIS A 53 -3.03 -0.16 2.30
CA HIS A 53 -1.92 -0.95 2.78
C HIS A 53 -2.41 -1.90 3.85
N CYS A 54 -3.22 -1.39 4.76
CA CYS A 54 -3.76 -2.19 5.85
C CYS A 54 -4.47 -3.42 5.31
N GLU A 55 -5.29 -3.21 4.29
CA GLU A 55 -6.05 -4.30 3.68
C GLU A 55 -5.11 -5.28 2.98
N PHE A 56 -4.20 -4.76 2.17
CA PHE A 56 -3.29 -5.61 1.42
C PHE A 56 -2.37 -6.39 2.35
N LYS A 57 -1.75 -5.70 3.31
CA LYS A 57 -0.87 -6.34 4.30
C LYS A 57 -1.62 -7.45 5.00
N ASN A 58 -2.89 -7.19 5.24
CA ASN A 58 -3.79 -8.12 5.91
C ASN A 58 -3.88 -9.47 5.17
N LYS A 59 -3.95 -9.42 3.85
CA LYS A 59 -4.12 -10.64 3.07
C LYS A 59 -2.78 -11.37 2.93
N LEU A 60 -1.69 -10.61 2.93
CA LEU A 60 -0.37 -11.20 2.89
C LEU A 60 0.01 -11.78 4.25
N LEU A 61 -0.41 -11.08 5.29
CA LEU A 61 -0.15 -11.50 6.66
C LEU A 61 -0.75 -12.88 6.95
N SER A 62 -1.95 -13.11 6.45
CA SER A 62 -2.64 -14.38 6.67
C SER A 62 -2.05 -15.47 5.78
N ARG A 63 -1.24 -15.06 4.81
CA ARG A 63 -0.59 -16.01 3.91
C ARG A 63 0.89 -16.16 4.24
N ALA A 64 1.23 -15.90 5.50
CA ALA A 64 2.59 -16.03 5.98
C ALA A 64 3.57 -15.15 5.21
N ASN A 65 3.18 -13.89 5.02
CA ASN A 65 4.01 -12.93 4.32
C ASN A 65 3.85 -11.57 4.98
N GLY A 66 4.77 -10.65 4.69
CA GLY A 66 4.65 -9.31 5.21
C GLY A 66 5.29 -8.31 4.26
N MET A 1 13.98 11.85 6.25
CA MET A 1 12.61 12.24 5.85
C MET A 1 11.58 11.50 6.69
N GLN A 2 11.77 11.54 8.01
CA GLN A 2 10.90 10.84 8.94
C GLN A 2 9.53 11.49 8.99
N HIS A 3 8.50 10.67 8.76
CA HIS A 3 7.13 11.13 8.84
C HIS A 3 6.20 9.95 9.04
N GLU A 4 5.48 9.95 10.15
CA GLU A 4 4.57 8.88 10.49
C GLU A 4 3.14 9.32 10.19
N LEU A 5 2.24 8.36 10.08
CA LEU A 5 0.87 8.66 9.70
C LEU A 5 -0.11 7.64 10.26
N GLN A 6 -1.38 8.01 10.19
CA GLN A 6 -2.48 7.17 10.64
C GLN A 6 -3.19 6.56 9.43
N PRO A 7 -4.06 5.55 9.64
CA PRO A 7 -4.77 4.84 8.55
C PRO A 7 -5.22 5.76 7.41
N ASP A 8 -5.69 6.95 7.75
CA ASP A 8 -6.09 7.92 6.76
C ASP A 8 -5.01 8.99 6.61
N SER A 9 -4.26 8.85 5.53
CA SER A 9 -3.16 9.76 5.21
C SER A 9 -2.51 9.29 3.91
N LEU A 10 -1.54 10.04 3.41
CA LEU A 10 -0.94 9.73 2.13
C LEU A 10 0.45 9.11 2.30
N VAL A 11 0.57 7.89 1.79
CA VAL A 11 1.84 7.17 1.76
C VAL A 11 2.38 7.19 0.32
N ASP A 12 3.69 6.99 0.18
CA ASP A 12 4.31 7.06 -1.14
C ASP A 12 4.65 5.66 -1.66
N LEU A 13 4.94 5.56 -2.95
CA LEU A 13 5.30 4.28 -3.56
C LEU A 13 6.55 3.70 -2.91
N LYS A 14 7.57 4.54 -2.73
CA LYS A 14 8.81 4.11 -2.10
C LYS A 14 8.54 3.66 -0.68
N PHE A 15 7.57 4.33 -0.07
CA PHE A 15 7.13 4.00 1.25
C PHE A 15 6.58 2.57 1.28
N ILE A 16 5.74 2.25 0.30
CA ILE A 16 5.23 0.88 0.13
C ILE A 16 6.37 -0.13 0.06
N MET A 17 7.45 0.25 -0.62
CA MET A 17 8.63 -0.59 -0.72
C MET A 17 9.24 -0.82 0.66
N ALA A 18 9.26 0.22 1.47
CA ALA A 18 9.70 0.12 2.87
C ALA A 18 8.68 -0.66 3.69
N ASP A 19 7.41 -0.54 3.30
CA ASP A 19 6.29 -1.17 3.99
C ASP A 19 6.43 -2.69 3.94
N THR A 20 6.98 -3.19 2.84
CA THR A 20 7.20 -4.62 2.67
C THR A 20 8.65 -4.93 2.29
N GLY A 21 9.00 -4.57 1.07
CA GLY A 21 10.34 -4.79 0.59
C GLY A 21 10.39 -5.14 -0.89
N PHE A 22 9.27 -4.95 -1.58
CA PHE A 22 9.14 -5.39 -2.97
C PHE A 22 9.03 -4.20 -3.91
N GLY A 23 8.84 -4.50 -5.19
CA GLY A 23 8.77 -3.45 -6.19
C GLY A 23 7.35 -3.11 -6.61
N LYS A 24 7.24 -2.10 -7.47
CA LYS A 24 5.96 -1.56 -7.94
C LYS A 24 4.95 -2.63 -8.37
N THR A 25 5.38 -3.55 -9.21
CA THR A 25 4.47 -4.54 -9.79
C THR A 25 3.76 -5.35 -8.70
N PHE A 26 4.50 -5.77 -7.68
CA PHE A 26 3.95 -6.49 -6.55
C PHE A 26 2.88 -5.66 -5.86
N ILE A 27 3.21 -4.40 -5.64
CA ILE A 27 2.33 -3.48 -4.93
C ILE A 27 0.99 -3.38 -5.61
N TYR A 28 1.01 -3.05 -6.89
CA TYR A 28 -0.21 -2.79 -7.63
C TYR A 28 -1.14 -4.00 -7.61
N ASP A 29 -0.58 -5.18 -7.79
CA ASP A 29 -1.39 -6.40 -7.75
C ASP A 29 -1.88 -6.66 -6.33
N ARG A 30 -0.95 -6.68 -5.39
CA ARG A 30 -1.22 -7.06 -4.01
C ARG A 30 -2.22 -6.12 -3.36
N ILE A 31 -2.10 -4.83 -3.67
CA ILE A 31 -2.95 -3.82 -3.06
C ILE A 31 -4.32 -3.73 -3.72
N LYS A 32 -4.35 -3.59 -5.04
CA LYS A 32 -5.62 -3.43 -5.76
C LYS A 32 -6.52 -4.64 -5.56
N SER A 33 -5.91 -5.81 -5.57
CA SER A 33 -6.65 -7.05 -5.35
C SER A 33 -7.07 -7.17 -3.88
N GLY A 34 -6.36 -6.47 -3.01
CA GLY A 34 -6.62 -6.54 -1.59
C GLY A 34 -7.92 -5.87 -1.19
N ASP A 35 -7.95 -4.54 -1.28
CA ASP A 35 -9.15 -3.79 -0.94
C ASP A 35 -9.26 -2.53 -1.79
N LEU A 36 -9.21 -2.71 -3.12
CA LEU A 36 -9.48 -1.65 -4.11
C LEU A 36 -9.15 -0.26 -3.61
N PRO A 37 -7.89 0.17 -3.83
CA PRO A 37 -7.32 1.40 -3.27
C PRO A 37 -8.25 2.61 -3.30
N LYS A 38 -8.39 3.24 -2.15
CA LYS A 38 -9.06 4.52 -2.04
C LYS A 38 -8.05 5.63 -2.30
N ALA A 39 -6.78 5.23 -2.40
CA ALA A 39 -5.67 6.10 -2.76
C ALA A 39 -6.00 6.95 -3.98
N LYS A 40 -5.24 8.02 -4.15
CA LYS A 40 -5.48 8.90 -5.26
C LYS A 40 -4.39 8.69 -6.29
N VAL A 41 -4.60 7.69 -7.11
CA VAL A 41 -3.64 7.29 -8.12
C VAL A 41 -4.01 7.84 -9.49
N ILE A 42 -3.13 8.65 -10.06
CA ILE A 42 -3.40 9.26 -11.35
C ILE A 42 -2.41 8.79 -12.41
N HIS A 43 -1.20 8.44 -11.99
CA HIS A 43 -0.17 8.01 -12.93
C HIS A 43 0.40 6.66 -12.54
N GLY A 44 -0.48 5.75 -12.13
CA GLY A 44 -0.05 4.47 -11.59
C GLY A 44 0.50 4.61 -10.18
N ARG A 45 1.02 5.78 -9.89
CA ARG A 45 1.47 6.14 -8.56
C ARG A 45 1.18 7.61 -8.34
N ALA A 46 1.09 8.03 -7.08
CA ALA A 46 0.88 9.44 -6.73
C ALA A 46 0.82 9.60 -5.22
N ARG A 47 -0.37 9.41 -4.67
CA ARG A 47 -0.57 9.47 -3.24
C ARG A 47 -1.47 8.32 -2.83
N TRP A 48 -0.95 7.44 -2.01
CA TRP A 48 -1.66 6.22 -1.66
C TRP A 48 -2.20 6.32 -0.25
N LEU A 49 -3.38 5.77 -0.01
CA LEU A 49 -3.95 5.77 1.31
C LEU A 49 -3.42 4.59 2.11
N TYR A 50 -3.10 4.86 3.37
CA TYR A 50 -2.55 3.84 4.25
C TYR A 50 -3.56 2.72 4.47
N ARG A 51 -4.85 3.08 4.44
CA ARG A 51 -5.94 2.09 4.55
C ARG A 51 -5.75 0.94 3.55
N ASP A 52 -5.40 1.28 2.31
CA ASP A 52 -5.22 0.29 1.26
C ASP A 52 -4.06 -0.64 1.63
N HIS A 53 -3.07 -0.07 2.30
CA HIS A 53 -1.94 -0.84 2.79
C HIS A 53 -2.39 -1.77 3.90
N CYS A 54 -3.25 -1.25 4.77
CA CYS A 54 -3.76 -2.01 5.90
C CYS A 54 -4.33 -3.34 5.43
N GLU A 55 -5.20 -3.28 4.43
CA GLU A 55 -5.89 -4.45 3.94
C GLU A 55 -4.95 -5.38 3.19
N PHE A 56 -4.08 -4.83 2.35
CA PHE A 56 -3.12 -5.65 1.64
C PHE A 56 -2.16 -6.34 2.62
N LYS A 57 -1.60 -5.56 3.55
CA LYS A 57 -0.73 -6.10 4.60
C LYS A 57 -1.47 -7.15 5.39
N ASN A 58 -2.76 -6.94 5.53
CA ASN A 58 -3.63 -7.82 6.30
C ASN A 58 -3.61 -9.24 5.75
N LYS A 59 -3.83 -9.37 4.44
CA LYS A 59 -3.88 -10.68 3.83
C LYS A 59 -2.50 -11.34 3.86
N LEU A 60 -1.46 -10.54 3.62
CA LEU A 60 -0.10 -11.03 3.68
C LEU A 60 0.27 -11.44 5.10
N LEU A 61 -0.18 -10.64 6.06
CA LEU A 61 0.04 -10.92 7.48
C LEU A 61 -0.64 -12.23 7.88
N SER A 62 -1.87 -12.39 7.41
CA SER A 62 -2.64 -13.58 7.70
C SER A 62 -1.99 -14.82 7.06
N ARG A 63 -1.42 -14.64 5.87
CA ARG A 63 -0.78 -15.74 5.17
C ARG A 63 0.67 -15.91 5.62
N ALA A 64 1.02 -15.23 6.71
CA ALA A 64 2.35 -15.32 7.31
C ALA A 64 3.45 -15.00 6.31
N ASN A 65 3.21 -13.98 5.49
CA ASN A 65 4.20 -13.57 4.50
C ASN A 65 4.72 -12.17 4.85
N GLY A 66 4.42 -11.74 6.07
CA GLY A 66 4.84 -10.45 6.53
C GLY A 66 5.48 -10.53 7.90
N MET A 1 10.56 13.24 9.85
CA MET A 1 11.54 12.21 9.46
C MET A 1 10.96 10.82 9.76
N GLN A 2 10.61 10.60 11.02
CA GLN A 2 9.95 9.37 11.40
C GLN A 2 8.47 9.66 11.64
N HIS A 3 7.62 9.09 10.80
CA HIS A 3 6.20 9.40 10.84
C HIS A 3 5.35 8.15 10.73
N GLU A 4 4.56 7.91 11.75
CA GLU A 4 3.56 6.86 11.70
C GLU A 4 2.20 7.49 11.49
N LEU A 5 1.36 6.82 10.73
CA LEU A 5 0.10 7.38 10.29
C LEU A 5 -1.03 6.39 10.50
N GLN A 6 -2.25 6.91 10.37
CA GLN A 6 -3.44 6.11 10.55
C GLN A 6 -4.03 5.79 9.18
N PRO A 7 -4.99 4.82 9.12
CA PRO A 7 -5.65 4.39 7.87
C PRO A 7 -5.83 5.50 6.83
N ASP A 8 -6.23 6.68 7.26
CA ASP A 8 -6.35 7.79 6.33
C ASP A 8 -5.17 8.74 6.48
N SER A 9 -4.24 8.64 5.55
CA SER A 9 -3.07 9.50 5.48
C SER A 9 -2.29 9.15 4.22
N LEU A 10 -1.23 9.89 3.94
CA LEU A 10 -0.54 9.76 2.67
C LEU A 10 0.76 8.99 2.79
N VAL A 11 0.76 7.79 2.24
CA VAL A 11 1.97 7.00 2.07
C VAL A 11 2.37 7.05 0.61
N ASP A 12 3.64 6.84 0.31
CA ASP A 12 4.12 7.01 -1.05
C ASP A 12 4.50 5.69 -1.69
N LEU A 13 4.55 5.66 -3.02
CA LEU A 13 4.94 4.47 -3.76
C LEU A 13 6.26 3.89 -3.25
N LYS A 14 7.26 4.76 -3.13
CA LYS A 14 8.56 4.34 -2.64
C LYS A 14 8.42 3.89 -1.19
N PHE A 15 7.57 4.58 -0.46
CA PHE A 15 7.30 4.26 0.93
C PHE A 15 6.76 2.83 1.05
N ILE A 16 5.90 2.43 0.12
CA ILE A 16 5.39 1.06 0.07
C ILE A 16 6.55 0.04 0.05
N MET A 17 7.65 0.42 -0.62
CA MET A 17 8.84 -0.41 -0.65
C MET A 17 9.45 -0.52 0.75
N ALA A 18 9.36 0.55 1.52
CA ALA A 18 9.77 0.54 2.91
C ALA A 18 8.79 -0.27 3.76
N ASP A 19 7.54 -0.24 3.33
CA ASP A 19 6.45 -0.96 4.01
C ASP A 19 6.72 -2.46 3.98
N THR A 20 6.98 -2.99 2.79
CA THR A 20 7.21 -4.42 2.63
C THR A 20 8.65 -4.71 2.20
N GLY A 21 9.04 -4.18 1.06
CA GLY A 21 10.38 -4.40 0.55
C GLY A 21 10.36 -4.89 -0.89
N PHE A 22 9.23 -4.70 -1.56
CA PHE A 22 9.06 -5.20 -2.91
C PHE A 22 8.85 -4.06 -3.91
N GLY A 23 8.68 -4.41 -5.18
CA GLY A 23 8.59 -3.42 -6.22
C GLY A 23 7.16 -3.15 -6.67
N LYS A 24 7.03 -2.23 -7.62
CA LYS A 24 5.75 -1.75 -8.14
C LYS A 24 4.75 -2.88 -8.44
N THR A 25 5.19 -3.89 -9.18
CA THR A 25 4.30 -4.95 -9.63
C THR A 25 3.62 -5.66 -8.45
N PHE A 26 4.41 -5.93 -7.41
CA PHE A 26 3.90 -6.56 -6.20
C PHE A 26 2.84 -5.68 -5.57
N ILE A 27 3.18 -4.39 -5.44
CA ILE A 27 2.31 -3.43 -4.79
C ILE A 27 0.93 -3.37 -5.45
N TYR A 28 0.90 -3.03 -6.72
CA TYR A 28 -0.35 -2.84 -7.42
C TYR A 28 -1.20 -4.11 -7.38
N ASP A 29 -0.57 -5.27 -7.48
CA ASP A 29 -1.27 -6.54 -7.35
C ASP A 29 -1.85 -6.68 -5.94
N ARG A 30 -0.97 -6.60 -4.95
CA ARG A 30 -1.33 -6.85 -3.56
C ARG A 30 -2.43 -5.91 -3.09
N ILE A 31 -2.21 -4.62 -3.33
CA ILE A 31 -3.12 -3.60 -2.81
C ILE A 31 -4.50 -3.70 -3.45
N LYS A 32 -4.56 -3.89 -4.77
CA LYS A 32 -5.85 -4.08 -5.44
C LYS A 32 -6.53 -5.35 -4.96
N SER A 33 -5.75 -6.42 -4.85
CA SER A 33 -6.26 -7.70 -4.39
C SER A 33 -6.70 -7.61 -2.93
N GLY A 34 -6.14 -6.63 -2.22
CA GLY A 34 -6.58 -6.33 -0.88
C GLY A 34 -7.98 -5.78 -0.90
N ASP A 35 -8.14 -4.60 -1.51
CA ASP A 35 -9.45 -3.99 -1.67
C ASP A 35 -9.32 -2.65 -2.37
N LEU A 36 -9.16 -2.72 -3.70
CA LEU A 36 -9.23 -1.57 -4.62
C LEU A 36 -8.82 -0.24 -3.95
N PRO A 37 -7.53 0.13 -4.05
CA PRO A 37 -6.95 1.24 -3.29
C PRO A 37 -7.82 2.49 -3.23
N LYS A 38 -7.91 3.07 -2.06
CA LYS A 38 -8.68 4.28 -1.85
C LYS A 38 -7.76 5.48 -2.03
N ALA A 39 -6.49 5.17 -2.30
CA ALA A 39 -5.46 6.15 -2.62
C ALA A 39 -5.92 7.20 -3.61
N LYS A 40 -5.17 8.28 -3.68
CA LYS A 40 -5.55 9.39 -4.51
C LYS A 40 -4.67 9.42 -5.74
N VAL A 41 -5.07 8.65 -6.73
CA VAL A 41 -4.29 8.45 -7.94
C VAL A 41 -4.94 9.17 -9.10
N ILE A 42 -4.16 9.97 -9.81
CA ILE A 42 -4.70 10.81 -10.88
C ILE A 42 -4.00 10.52 -12.22
N HIS A 43 -2.90 9.77 -12.18
CA HIS A 43 -2.19 9.40 -13.41
C HIS A 43 -1.44 8.09 -13.25
N GLY A 44 -2.13 7.07 -12.75
CA GLY A 44 -1.52 5.75 -12.57
C GLY A 44 -0.68 5.69 -11.31
N ARG A 45 -0.12 6.82 -10.93
CA ARG A 45 0.63 6.97 -9.69
C ARG A 45 0.30 8.34 -9.11
N ALA A 46 0.54 8.54 -7.83
CA ALA A 46 0.35 9.85 -7.18
C ALA A 46 0.64 9.76 -5.69
N ARG A 47 -0.39 9.53 -4.90
CA ARG A 47 -0.26 9.38 -3.46
C ARG A 47 -1.11 8.21 -3.01
N TRP A 48 -0.55 7.34 -2.19
CA TRP A 48 -1.25 6.15 -1.78
C TRP A 48 -1.83 6.34 -0.39
N LEU A 49 -2.96 5.70 -0.14
CA LEU A 49 -3.63 5.81 1.12
C LEU A 49 -3.22 4.64 2.00
N TYR A 50 -3.00 4.92 3.27
CA TYR A 50 -2.46 3.95 4.21
C TYR A 50 -3.40 2.75 4.39
N ARG A 51 -4.70 3.02 4.48
CA ARG A 51 -5.70 1.97 4.64
C ARG A 51 -5.57 0.90 3.55
N ASP A 52 -5.14 1.32 2.36
CA ASP A 52 -4.95 0.40 1.24
C ASP A 52 -3.90 -0.63 1.60
N HIS A 53 -2.91 -0.17 2.34
CA HIS A 53 -1.87 -1.05 2.83
C HIS A 53 -2.46 -1.97 3.87
N CYS A 54 -3.36 -1.42 4.69
CA CYS A 54 -4.04 -2.22 5.70
C CYS A 54 -4.76 -3.40 5.05
N GLU A 55 -5.50 -3.11 3.99
CA GLU A 55 -6.24 -4.14 3.28
C GLU A 55 -5.31 -5.17 2.64
N PHE A 56 -4.33 -4.67 1.90
CA PHE A 56 -3.42 -5.54 1.19
C PHE A 56 -2.57 -6.38 2.17
N LYS A 57 -1.96 -5.72 3.15
CA LYS A 57 -1.16 -6.41 4.16
C LYS A 57 -1.99 -7.45 4.87
N ASN A 58 -3.28 -7.16 4.98
CA ASN A 58 -4.23 -8.06 5.60
C ASN A 58 -4.28 -9.41 4.88
N LYS A 59 -4.33 -9.38 3.54
CA LYS A 59 -4.44 -10.60 2.78
C LYS A 59 -3.11 -11.37 2.82
N LEU A 60 -2.02 -10.63 2.89
CA LEU A 60 -0.70 -11.22 2.99
C LEU A 60 -0.48 -11.77 4.40
N LEU A 61 -0.92 -11.01 5.40
CA LEU A 61 -0.83 -11.42 6.79
C LEU A 61 -1.67 -12.66 7.04
N SER A 62 -2.79 -12.74 6.34
CA SER A 62 -3.67 -13.90 6.42
C SER A 62 -2.93 -15.16 5.95
N ARG A 63 -1.96 -14.97 5.05
CA ARG A 63 -1.16 -16.06 4.53
C ARG A 63 0.21 -16.10 5.19
N ALA A 64 0.31 -15.47 6.37
CA ALA A 64 1.53 -15.45 7.16
C ALA A 64 2.72 -14.88 6.40
N ASN A 65 2.47 -13.83 5.62
CA ASN A 65 3.54 -13.14 4.91
C ASN A 65 4.11 -12.01 5.77
N GLY A 66 3.23 -11.10 6.15
CA GLY A 66 3.64 -9.95 6.93
C GLY A 66 3.91 -8.76 6.03
#